data_5FZX
#
_entry.id   5FZX
#
_cell.length_a   1.000
_cell.length_b   1.000
_cell.length_c   1.000
_cell.angle_alpha   90.00
_cell.angle_beta   90.00
_cell.angle_gamma   90.00
#
_symmetry.space_group_name_H-M   'P 1'
#
_entity_poly.entity_id   1
_entity_poly.type   'polypeptide(L)'
_entity_poly.pdbx_seq_one_letter_code
;DETPDECVTRGNFCATPEVHGDWCCGSLKCVSNSCR
;
_entity_poly.pdbx_strand_id   A
#
# COMPACT_ATOMS: atom_id res chain seq x y z
N ASP A 1 -3.11 11.12 -13.78
CA ASP A 1 -2.71 11.09 -12.35
C ASP A 1 -2.47 12.49 -11.84
N GLU A 2 -2.72 12.70 -10.55
CA GLU A 2 -2.54 13.99 -9.92
C GLU A 2 -2.38 13.81 -8.41
N THR A 3 -3.37 13.19 -7.80
CA THR A 3 -3.35 12.94 -6.37
C THR A 3 -4.26 11.77 -6.02
N PRO A 4 -3.87 10.55 -6.39
CA PRO A 4 -4.67 9.35 -6.13
C PRO A 4 -4.73 9.02 -4.64
N ASP A 5 -5.85 9.34 -4.01
CA ASP A 5 -6.04 9.02 -2.59
C ASP A 5 -6.55 7.60 -2.43
N GLU A 6 -6.68 6.89 -3.55
CA GLU A 6 -7.19 5.53 -3.57
C GLU A 6 -6.11 4.54 -3.14
N CYS A 7 -4.86 4.99 -3.17
CA CYS A 7 -3.75 4.18 -2.70
C CYS A 7 -3.39 4.56 -1.28
N VAL A 8 -2.76 3.65 -0.56
CA VAL A 8 -2.40 3.89 0.83
C VAL A 8 -1.03 4.58 0.92
N THR A 9 -1.00 5.65 1.71
CA THR A 9 0.18 6.51 1.81
C THR A 9 1.22 5.96 2.79
N ARG A 10 2.39 6.60 2.80
CA ARG A 10 3.52 6.14 3.59
C ARG A 10 3.22 6.25 5.08
N GLY A 11 3.57 5.21 5.82
CA GLY A 11 3.35 5.19 7.25
C GLY A 11 2.02 4.58 7.63
N ASN A 12 1.18 4.32 6.65
CA ASN A 12 -0.13 3.72 6.90
C ASN A 12 -0.08 2.21 6.77
N PHE A 13 -1.08 1.56 7.35
CA PHE A 13 -1.15 0.11 7.43
C PHE A 13 -1.49 -0.52 6.08
N CYS A 14 -0.77 -1.57 5.74
CA CYS A 14 -1.07 -2.36 4.55
C CYS A 14 -1.34 -3.81 4.94
N ALA A 15 -2.29 -4.44 4.26
CA ALA A 15 -2.61 -5.84 4.48
C ALA A 15 -1.52 -6.73 3.90
N THR A 16 -1.53 -8.03 4.22
CA THR A 16 -0.51 -8.96 3.74
C THR A 16 -0.18 -8.73 2.28
N PRO A 17 1.11 -8.49 1.98
CA PRO A 17 1.55 -7.95 0.71
C PRO A 17 1.37 -8.89 -0.49
N GLU A 18 1.73 -10.15 -0.32
CA GLU A 18 1.86 -11.07 -1.45
C GLU A 18 0.54 -11.28 -2.21
N VAL A 19 -0.58 -11.17 -1.51
CA VAL A 19 -1.86 -11.48 -2.12
C VAL A 19 -2.30 -10.41 -3.13
N HIS A 20 -1.79 -9.19 -3.00
CA HIS A 20 -2.21 -8.11 -3.90
C HIS A 20 -1.03 -7.43 -4.60
N GLY A 21 0.11 -7.40 -3.91
CA GLY A 21 1.34 -6.78 -4.39
C GLY A 21 1.26 -5.28 -4.64
N ASP A 22 0.14 -4.79 -5.15
CA ASP A 22 -0.08 -3.36 -5.30
C ASP A 22 -1.01 -2.85 -4.21
N TRP A 23 -0.76 -1.62 -3.72
CA TRP A 23 -1.63 -0.99 -2.73
C TRP A 23 -1.08 0.37 -2.31
N CYS A 24 0.21 0.41 -2.00
CA CYS A 24 0.84 1.63 -1.53
C CYS A 24 1.13 2.57 -2.69
N CYS A 25 1.00 3.86 -2.44
CA CYS A 25 1.24 4.89 -3.46
C CYS A 25 2.68 4.89 -3.93
N GLY A 26 2.85 5.02 -5.24
CA GLY A 26 4.16 5.22 -5.83
C GLY A 26 5.14 4.09 -5.58
N SER A 27 6.29 4.44 -5.01
CA SER A 27 7.37 3.48 -4.81
C SER A 27 7.37 2.94 -3.38
N LEU A 28 6.23 3.08 -2.70
CA LEU A 28 6.08 2.56 -1.36
C LEU A 28 5.93 1.04 -1.40
N LYS A 29 6.44 0.39 -0.38
CA LYS A 29 6.39 -1.07 -0.29
C LYS A 29 5.52 -1.49 0.88
N CYS A 30 4.66 -2.49 0.67
CA CYS A 30 3.93 -3.11 1.78
C CYS A 30 4.87 -4.04 2.55
N VAL A 31 5.38 -3.54 3.66
CA VAL A 31 6.30 -4.32 4.48
C VAL A 31 6.04 -4.06 5.96
N SER A 32 5.98 -5.15 6.72
CA SER A 32 5.68 -5.07 8.15
C SER A 32 4.31 -4.44 8.36
N ASN A 33 3.41 -4.70 7.41
CA ASN A 33 2.05 -4.18 7.43
C ASN A 33 2.03 -2.65 7.36
N SER A 34 3.07 -2.07 6.77
CA SER A 34 3.15 -0.64 6.62
C SER A 34 3.74 -0.26 5.27
N CYS A 35 3.24 0.82 4.69
CA CYS A 35 3.77 1.32 3.44
C CYS A 35 4.95 2.24 3.68
N ARG A 36 6.05 1.98 3.01
CA ARG A 36 7.24 2.80 3.11
C ARG A 36 8.07 2.69 1.84
N ASP A 1 -11.46 15.78 -10.45
CA ASP A 1 -10.87 14.85 -9.46
C ASP A 1 -11.65 13.55 -9.44
N GLU A 2 -10.93 12.44 -9.53
CA GLU A 2 -11.54 11.12 -9.48
C GLU A 2 -10.76 10.24 -8.51
N THR A 3 -11.25 9.04 -8.26
CA THR A 3 -10.58 8.11 -7.37
C THR A 3 -10.37 6.75 -8.06
N PRO A 4 -9.42 6.69 -9.00
CA PRO A 4 -9.12 5.46 -9.73
C PRO A 4 -8.09 4.60 -9.00
N ASP A 5 -8.58 3.61 -8.25
CA ASP A 5 -7.73 2.70 -7.49
C ASP A 5 -6.84 3.47 -6.51
N GLU A 6 -7.45 3.93 -5.42
CA GLU A 6 -6.75 4.71 -4.41
C GLU A 6 -5.60 3.92 -3.78
N CYS A 7 -4.58 4.63 -3.37
CA CYS A 7 -3.41 3.99 -2.77
C CYS A 7 -3.23 4.46 -1.33
N VAL A 8 -2.64 3.60 -0.51
CA VAL A 8 -2.33 3.94 0.87
C VAL A 8 -0.96 4.62 0.96
N THR A 9 -0.90 5.75 1.66
CA THR A 9 0.31 6.57 1.72
C THR A 9 1.31 6.05 2.76
N ARG A 10 2.50 6.65 2.74
CA ARG A 10 3.58 6.24 3.63
C ARG A 10 3.21 6.42 5.09
N GLY A 11 3.53 5.43 5.90
CA GLY A 11 3.27 5.52 7.32
C GLY A 11 1.96 4.87 7.72
N ASN A 12 1.16 4.50 6.75
CA ASN A 12 -0.13 3.88 7.00
C ASN A 12 -0.03 2.36 6.86
N PHE A 13 -1.02 1.68 7.42
CA PHE A 13 -1.04 0.22 7.47
C PHE A 13 -1.46 -0.36 6.13
N CYS A 14 -0.81 -1.44 5.72
CA CYS A 14 -1.17 -2.14 4.50
C CYS A 14 -1.41 -3.62 4.79
N ALA A 15 -2.39 -4.20 4.10
CA ALA A 15 -2.67 -5.62 4.23
C ALA A 15 -1.53 -6.43 3.61
N THR A 16 -1.44 -7.71 3.96
CA THR A 16 -0.33 -8.58 3.54
C THR A 16 0.06 -8.36 2.07
N PRO A 17 1.37 -8.14 1.85
CA PRO A 17 1.91 -7.67 0.58
C PRO A 17 1.75 -8.67 -0.56
N GLU A 18 2.03 -9.94 -0.28
CA GLU A 18 2.15 -10.93 -1.34
C GLU A 18 0.80 -11.32 -1.93
N VAL A 19 -0.27 -10.82 -1.34
CA VAL A 19 -1.62 -11.15 -1.83
C VAL A 19 -2.04 -10.22 -2.97
N HIS A 20 -1.56 -8.98 -2.96
CA HIS A 20 -1.95 -8.01 -3.99
C HIS A 20 -0.73 -7.33 -4.63
N GLY A 21 0.33 -7.21 -3.85
CA GLY A 21 1.57 -6.55 -4.27
C GLY A 21 1.45 -5.05 -4.53
N ASP A 22 0.31 -4.63 -5.07
CA ASP A 22 0.03 -3.20 -5.25
C ASP A 22 -0.92 -2.72 -4.16
N TRP A 23 -0.69 -1.50 -3.65
CA TRP A 23 -1.60 -0.86 -2.70
C TRP A 23 -1.03 0.47 -2.19
N CYS A 24 0.26 0.48 -1.90
CA CYS A 24 0.91 1.67 -1.39
C CYS A 24 1.20 2.67 -2.50
N CYS A 25 1.09 3.95 -2.16
CA CYS A 25 1.33 5.03 -3.12
C CYS A 25 2.78 5.11 -3.57
N GLY A 26 2.98 5.58 -4.79
CA GLY A 26 4.31 5.81 -5.30
C GLY A 26 5.15 4.55 -5.39
N SER A 27 6.33 4.61 -4.80
CA SER A 27 7.26 3.49 -4.87
C SER A 27 7.31 2.77 -3.52
N LEU A 28 6.27 2.98 -2.71
CA LEU A 28 6.17 2.36 -1.40
C LEU A 28 5.88 0.87 -1.53
N LYS A 29 6.23 0.11 -0.50
CA LYS A 29 5.90 -1.30 -0.43
C LYS A 29 5.28 -1.63 0.92
N CYS A 30 4.37 -2.58 0.95
CA CYS A 30 3.77 -3.03 2.20
C CYS A 30 4.76 -3.91 2.95
N VAL A 31 5.56 -3.29 3.80
CA VAL A 31 6.56 -4.01 4.57
C VAL A 31 6.27 -3.85 6.06
N SER A 32 6.22 -4.99 6.76
CA SER A 32 5.79 -5.02 8.15
C SER A 32 4.38 -4.43 8.25
N ASN A 33 3.60 -4.72 7.21
CA ASN A 33 2.22 -4.23 7.11
C ASN A 33 2.15 -2.71 7.13
N SER A 34 3.21 -2.07 6.68
CA SER A 34 3.27 -0.62 6.63
C SER A 34 3.87 -0.15 5.30
N CYS A 35 3.33 0.92 4.76
CA CYS A 35 3.83 1.46 3.49
C CYS A 35 4.99 2.41 3.72
N ARG A 36 6.09 2.15 3.03
CA ARG A 36 7.28 2.99 3.09
C ARG A 36 8.23 2.57 1.98
N ASP A 1 -13.07 17.23 -13.26
CA ASP A 1 -11.79 16.79 -12.69
C ASP A 1 -11.99 15.66 -11.70
N GLU A 2 -11.29 14.56 -11.93
CA GLU A 2 -11.43 13.40 -11.08
C GLU A 2 -10.24 13.30 -10.14
N THR A 3 -9.05 13.04 -10.71
CA THR A 3 -7.81 12.90 -9.93
C THR A 3 -7.99 11.89 -8.78
N PRO A 4 -8.14 10.60 -9.11
CA PRO A 4 -8.32 9.56 -8.11
C PRO A 4 -7.00 9.03 -7.56
N ASP A 5 -6.78 9.20 -6.27
CA ASP A 5 -5.59 8.68 -5.63
C ASP A 5 -5.94 7.50 -4.76
N GLU A 6 -6.32 6.39 -5.40
CA GLU A 6 -6.68 5.18 -4.66
C GLU A 6 -5.41 4.42 -4.28
N CYS A 7 -4.67 5.00 -3.36
CA CYS A 7 -3.44 4.39 -2.87
C CYS A 7 -3.19 4.82 -1.43
N VAL A 8 -2.68 3.90 -0.63
CA VAL A 8 -2.39 4.19 0.76
C VAL A 8 -1.00 4.80 0.88
N THR A 9 -0.87 5.82 1.72
CA THR A 9 0.35 6.57 1.83
C THR A 9 1.32 5.99 2.87
N ARG A 10 2.53 6.53 2.89
CA ARG A 10 3.61 6.05 3.74
C ARG A 10 3.22 6.07 5.21
N GLY A 11 3.57 5.01 5.92
CA GLY A 11 3.35 4.95 7.35
C GLY A 11 1.98 4.40 7.72
N ASN A 12 1.16 4.17 6.71
CA ASN A 12 -0.18 3.64 6.93
C ASN A 12 -0.17 2.12 6.87
N PHE A 13 -1.19 1.53 7.48
CA PHE A 13 -1.29 0.07 7.60
C PHE A 13 -1.50 -0.59 6.26
N CYS A 14 -0.76 -1.65 6.01
CA CYS A 14 -0.87 -2.42 4.79
C CYS A 14 -1.10 -3.90 5.11
N ALA A 15 -2.20 -4.44 4.63
CA ALA A 15 -2.48 -5.87 4.78
C ALA A 15 -1.54 -6.67 3.89
N THR A 16 -1.30 -7.94 4.25
CA THR A 16 -0.33 -8.78 3.57
C THR A 16 -0.33 -8.58 2.05
N PRO A 17 0.84 -8.21 1.51
CA PRO A 17 0.95 -7.66 0.15
C PRO A 17 0.67 -8.67 -0.96
N GLU A 18 1.16 -9.88 -0.80
CA GLU A 18 1.26 -10.84 -1.91
C GLU A 18 -0.09 -11.11 -2.59
N VAL A 19 -1.17 -11.08 -1.83
CA VAL A 19 -2.48 -11.41 -2.38
C VAL A 19 -3.07 -10.27 -3.24
N HIS A 20 -2.58 -9.05 -3.09
CA HIS A 20 -3.14 -7.93 -3.85
C HIS A 20 -2.08 -7.17 -4.65
N GLY A 21 -0.86 -7.14 -4.12
CA GLY A 21 0.28 -6.48 -4.75
C GLY A 21 0.15 -4.96 -4.91
N ASP A 22 -1.05 -4.47 -5.19
CA ASP A 22 -1.30 -3.03 -5.25
C ASP A 22 -1.97 -2.54 -3.99
N TRP A 23 -1.57 -1.36 -3.52
CA TRP A 23 -2.21 -0.66 -2.41
C TRP A 23 -1.35 0.52 -1.98
N CYS A 24 -0.06 0.28 -1.79
CA CYS A 24 0.87 1.33 -1.38
C CYS A 24 1.11 2.29 -2.54
N CYS A 25 1.07 3.58 -2.26
CA CYS A 25 1.23 4.60 -3.28
C CYS A 25 2.71 4.83 -3.60
N GLY A 26 2.98 5.53 -4.69
CA GLY A 26 4.33 5.86 -5.09
C GLY A 26 5.17 4.62 -5.34
N SER A 27 6.37 4.60 -4.78
CA SER A 27 7.25 3.45 -4.91
C SER A 27 7.36 2.74 -3.56
N LEU A 28 6.38 3.00 -2.71
CA LEU A 28 6.34 2.41 -1.37
C LEU A 28 6.30 0.90 -1.44
N LYS A 29 6.88 0.26 -0.44
CA LYS A 29 6.83 -1.18 -0.33
C LYS A 29 5.98 -1.56 0.86
N CYS A 30 5.21 -2.63 0.72
CA CYS A 30 4.38 -3.10 1.81
C CYS A 30 5.18 -4.04 2.70
N VAL A 31 5.70 -3.49 3.79
CA VAL A 31 6.59 -4.22 4.65
C VAL A 31 6.21 -4.02 6.12
N SER A 32 6.15 -5.12 6.87
CA SER A 32 5.82 -5.07 8.28
C SER A 32 4.45 -4.43 8.50
N ASN A 33 3.56 -4.69 7.55
CA ASN A 33 2.20 -4.17 7.57
C ASN A 33 2.16 -2.66 7.45
N SER A 34 3.19 -2.10 6.85
CA SER A 34 3.24 -0.66 6.62
C SER A 34 3.84 -0.36 5.26
N CYS A 35 3.29 0.65 4.58
CA CYS A 35 3.84 1.08 3.31
C CYS A 35 4.90 2.14 3.52
N ARG A 36 6.07 1.94 2.94
CA ARG A 36 7.17 2.87 3.05
C ARG A 36 8.16 2.66 1.93
N ASP A 1 -8.99 3.11 10.87
CA ASP A 1 -7.56 3.46 10.72
C ASP A 1 -7.26 3.77 9.26
N GLU A 2 -7.69 4.95 8.81
CA GLU A 2 -7.49 5.42 7.44
C GLU A 2 -8.15 4.49 6.41
N THR A 3 -7.97 4.79 5.15
CA THR A 3 -8.48 3.98 4.07
C THR A 3 -7.67 4.23 2.79
N PRO A 4 -7.35 3.18 2.03
CA PRO A 4 -6.54 3.31 0.81
C PRO A 4 -7.32 3.86 -0.37
N ASP A 5 -7.59 5.17 -0.35
CA ASP A 5 -8.24 5.81 -1.48
C ASP A 5 -7.25 5.94 -2.65
N GLU A 6 -7.50 5.15 -3.69
CA GLU A 6 -6.58 5.01 -4.83
C GLU A 6 -5.32 4.25 -4.41
N CYS A 7 -4.56 4.83 -3.50
CA CYS A 7 -3.39 4.19 -2.95
C CYS A 7 -3.16 4.67 -1.52
N VAL A 8 -2.63 3.80 -0.69
CA VAL A 8 -2.33 4.14 0.69
C VAL A 8 -0.94 4.74 0.80
N THR A 9 -0.82 5.80 1.58
CA THR A 9 0.42 6.55 1.69
C THR A 9 1.37 5.97 2.73
N ARG A 10 2.58 6.52 2.74
CA ARG A 10 3.65 6.09 3.64
C ARG A 10 3.24 6.19 5.10
N GLY A 11 3.59 5.18 5.89
CA GLY A 11 3.34 5.21 7.31
C GLY A 11 2.04 4.54 7.69
N ASN A 12 1.15 4.40 6.72
CA ASN A 12 -0.14 3.78 6.95
C ASN A 12 -0.07 2.29 6.75
N PHE A 13 -1.06 1.59 7.30
CA PHE A 13 -1.10 0.14 7.30
C PHE A 13 -1.43 -0.43 5.92
N CYS A 14 -0.81 -1.56 5.60
CA CYS A 14 -1.10 -2.26 4.37
C CYS A 14 -1.38 -3.74 4.66
N ALA A 15 -2.52 -4.23 4.17
CA ALA A 15 -2.86 -5.64 4.30
C ALA A 15 -1.89 -6.48 3.48
N THR A 16 -1.78 -7.78 3.80
CA THR A 16 -0.77 -8.65 3.21
C THR A 16 -0.58 -8.40 1.71
N PRO A 17 0.64 -7.99 1.34
CA PRO A 17 0.97 -7.57 -0.02
C PRO A 17 0.92 -8.72 -1.01
N GLU A 18 1.08 -9.93 -0.50
CA GLU A 18 1.21 -11.12 -1.34
C GLU A 18 -0.01 -11.31 -2.25
N VAL A 19 -1.17 -10.86 -1.81
CA VAL A 19 -2.41 -11.13 -2.54
C VAL A 19 -2.80 -10.02 -3.51
N HIS A 20 -2.25 -8.82 -3.36
CA HIS A 20 -2.65 -7.70 -4.23
C HIS A 20 -1.45 -7.02 -4.90
N GLY A 21 -0.31 -7.05 -4.21
CA GLY A 21 0.93 -6.43 -4.68
C GLY A 21 0.87 -4.91 -4.88
N ASP A 22 -0.25 -4.41 -5.35
CA ASP A 22 -0.46 -2.96 -5.44
C ASP A 22 -1.34 -2.50 -4.30
N TRP A 23 -1.02 -1.35 -3.73
CA TRP A 23 -1.81 -0.75 -2.65
C TRP A 23 -1.20 0.57 -2.21
N CYS A 24 0.11 0.56 -1.97
CA CYS A 24 0.80 1.75 -1.52
C CYS A 24 1.06 2.71 -2.68
N CYS A 25 1.11 3.99 -2.37
CA CYS A 25 1.40 5.02 -3.38
C CYS A 25 2.85 4.99 -3.83
N GLY A 26 3.06 5.21 -5.12
CA GLY A 26 4.40 5.33 -5.66
C GLY A 26 5.22 4.07 -5.53
N SER A 27 6.48 4.22 -5.13
CA SER A 27 7.40 3.10 -5.00
C SER A 27 7.37 2.55 -3.58
N LEU A 28 6.32 2.86 -2.84
CA LEU A 28 6.15 2.35 -1.50
C LEU A 28 5.89 0.86 -1.53
N LYS A 29 6.31 0.18 -0.49
CA LYS A 29 6.11 -1.26 -0.37
C LYS A 29 5.52 -1.59 1.00
N CYS A 30 4.66 -2.60 1.05
CA CYS A 30 4.08 -3.02 2.32
C CYS A 30 5.08 -3.82 3.11
N VAL A 31 5.84 -3.13 3.94
CA VAL A 31 6.86 -3.75 4.76
C VAL A 31 6.43 -3.67 6.22
N SER A 32 6.38 -4.82 6.87
CA SER A 32 5.87 -4.90 8.24
C SER A 32 4.42 -4.42 8.25
N ASN A 33 3.73 -4.72 7.17
CA ASN A 33 2.34 -4.32 6.96
C ASN A 33 2.18 -2.82 7.01
N SER A 34 3.22 -2.10 6.61
CA SER A 34 3.20 -0.65 6.56
C SER A 34 3.86 -0.16 5.28
N CYS A 35 3.28 0.83 4.64
CA CYS A 35 3.83 1.35 3.39
C CYS A 35 4.98 2.31 3.66
N ARG A 36 6.06 2.13 2.93
CA ARG A 36 7.22 2.99 3.04
C ARG A 36 8.01 2.95 1.74
N ASP A 1 -13.14 -2.13 -10.53
CA ASP A 1 -12.38 -0.91 -10.15
C ASP A 1 -11.44 -0.51 -11.26
N GLU A 2 -11.93 0.32 -12.18
CA GLU A 2 -11.16 0.75 -13.33
C GLU A 2 -9.94 1.58 -12.90
N THR A 3 -10.10 2.29 -11.80
CA THR A 3 -9.03 3.13 -11.29
C THR A 3 -8.89 2.96 -9.77
N PRO A 4 -8.05 2.02 -9.32
CA PRO A 4 -7.78 1.83 -7.90
C PRO A 4 -6.73 2.81 -7.39
N ASP A 5 -6.95 4.08 -7.69
CA ASP A 5 -6.02 5.15 -7.34
C ASP A 5 -6.12 5.52 -5.87
N GLU A 6 -6.81 4.69 -5.10
CA GLU A 6 -6.96 4.89 -3.67
C GLU A 6 -5.73 4.37 -2.94
N CYS A 7 -4.57 4.84 -3.37
CA CYS A 7 -3.30 4.40 -2.83
C CYS A 7 -3.08 4.97 -1.45
N VAL A 8 -2.58 4.15 -0.54
CA VAL A 8 -2.30 4.60 0.82
C VAL A 8 -0.91 5.22 0.89
N THR A 9 -0.77 6.24 1.72
CA THR A 9 0.48 6.96 1.84
C THR A 9 1.43 6.29 2.84
N ARG A 10 2.68 6.72 2.82
CA ARG A 10 3.72 6.18 3.68
C ARG A 10 3.35 6.33 5.16
N GLY A 11 3.59 5.27 5.93
CA GLY A 11 3.36 5.33 7.36
C GLY A 11 2.02 4.76 7.77
N ASN A 12 1.25 4.27 6.80
CA ASN A 12 -0.04 3.68 7.08
C ASN A 12 0.03 2.17 6.97
N PHE A 13 -0.88 1.52 7.68
CA PHE A 13 -0.94 0.05 7.70
C PHE A 13 -1.51 -0.46 6.38
N CYS A 14 -0.90 -1.51 5.85
CA CYS A 14 -1.37 -2.10 4.62
C CYS A 14 -1.66 -3.59 4.84
N ALA A 15 -2.75 -4.04 4.24
CA ALA A 15 -3.11 -5.46 4.29
C ALA A 15 -2.12 -6.26 3.44
N THR A 16 -2.01 -7.56 3.72
CA THR A 16 -1.01 -8.43 3.10
C THR A 16 -0.83 -8.16 1.60
N PRO A 17 0.38 -7.76 1.21
CA PRO A 17 0.66 -7.34 -0.16
C PRO A 17 0.59 -8.49 -1.15
N GLU A 18 0.81 -9.70 -0.67
CA GLU A 18 0.94 -10.87 -1.54
C GLU A 18 -0.35 -11.17 -2.32
N VAL A 19 -1.49 -10.80 -1.78
CA VAL A 19 -2.77 -11.16 -2.40
C VAL A 19 -3.32 -10.09 -3.36
N HIS A 20 -2.88 -8.83 -3.22
CA HIS A 20 -3.38 -7.78 -4.12
C HIS A 20 -2.24 -7.03 -4.81
N GLY A 21 -1.09 -6.99 -4.15
CA GLY A 21 0.11 -6.34 -4.68
C GLY A 21 0.02 -4.82 -4.80
N ASP A 22 -1.16 -4.32 -5.10
CA ASP A 22 -1.39 -2.89 -5.15
C ASP A 22 -2.07 -2.41 -3.88
N TRP A 23 -1.61 -1.26 -3.36
CA TRP A 23 -2.20 -0.64 -2.18
C TRP A 23 -1.37 0.58 -1.77
N CYS A 24 -0.07 0.39 -1.68
CA CYS A 24 0.83 1.47 -1.32
C CYS A 24 1.05 2.41 -2.49
N CYS A 25 1.05 3.70 -2.24
CA CYS A 25 1.21 4.68 -3.29
C CYS A 25 2.68 4.86 -3.65
N GLY A 26 2.95 5.20 -4.90
CA GLY A 26 4.30 5.46 -5.35
C GLY A 26 5.18 4.22 -5.36
N SER A 27 6.42 4.38 -4.93
CA SER A 27 7.38 3.29 -4.91
C SER A 27 7.42 2.65 -3.53
N LEU A 28 6.37 2.90 -2.75
CA LEU A 28 6.27 2.34 -1.41
C LEU A 28 6.14 0.82 -1.46
N LYS A 29 6.59 0.17 -0.39
CA LYS A 29 6.51 -1.27 -0.27
C LYS A 29 5.94 -1.64 1.09
N CYS A 30 5.18 -2.72 1.14
CA CYS A 30 4.61 -3.21 2.39
C CYS A 30 5.66 -3.92 3.21
N VAL A 31 6.20 -3.23 4.20
CA VAL A 31 7.13 -3.83 5.12
C VAL A 31 6.57 -3.76 6.54
N SER A 32 6.44 -4.92 7.17
CA SER A 32 5.81 -5.03 8.47
C SER A 32 4.37 -4.53 8.40
N ASN A 33 3.75 -4.76 7.24
CA ASN A 33 2.38 -4.36 6.99
C ASN A 33 2.22 -2.84 7.07
N SER A 34 3.27 -2.14 6.68
CA SER A 34 3.21 -0.69 6.59
C SER A 34 3.89 -0.22 5.31
N CYS A 35 3.26 0.72 4.63
CA CYS A 35 3.79 1.22 3.36
C CYS A 35 4.84 2.30 3.60
N ARG A 36 5.97 2.15 2.93
CA ARG A 36 7.03 3.14 2.97
C ARG A 36 7.94 2.97 1.77
N ASP A 1 -0.16 13.08 -7.74
CA ASP A 1 1.12 12.75 -8.41
C ASP A 1 0.86 12.24 -9.82
N GLU A 2 0.38 11.00 -9.93
CA GLU A 2 0.12 10.40 -11.23
C GLU A 2 -1.00 9.36 -11.15
N THR A 3 -0.94 8.48 -10.16
CA THR A 3 -1.93 7.43 -10.01
C THR A 3 -2.49 7.39 -8.59
N PRO A 4 -3.47 8.26 -8.29
CA PRO A 4 -4.12 8.27 -6.99
C PRO A 4 -5.31 7.32 -6.94
N ASP A 5 -5.01 6.04 -7.14
CA ASP A 5 -6.05 5.00 -7.20
C ASP A 5 -6.43 4.53 -5.80
N GLU A 6 -6.66 5.47 -4.89
CA GLU A 6 -6.98 5.16 -3.49
C GLU A 6 -5.86 4.35 -2.86
N CYS A 7 -4.63 4.76 -3.12
CA CYS A 7 -3.48 4.05 -2.60
C CYS A 7 -3.19 4.50 -1.17
N VAL A 8 -2.61 3.61 -0.39
CA VAL A 8 -2.27 3.91 0.99
C VAL A 8 -0.89 4.57 1.07
N THR A 9 -0.84 5.69 1.78
CA THR A 9 0.37 6.50 1.86
C THR A 9 1.36 5.98 2.90
N ARG A 10 2.55 6.56 2.90
CA ARG A 10 3.63 6.13 3.77
C ARG A 10 3.27 6.28 5.24
N GLY A 11 3.56 5.25 6.02
CA GLY A 11 3.30 5.28 7.45
C GLY A 11 2.01 4.58 7.82
N ASN A 12 1.13 4.41 6.85
CA ASN A 12 -0.16 3.77 7.10
C ASN A 12 -0.07 2.27 6.91
N PHE A 13 -1.05 1.58 7.47
CA PHE A 13 -1.08 0.12 7.51
C PHE A 13 -1.49 -0.46 6.15
N CYS A 14 -0.79 -1.51 5.74
CA CYS A 14 -1.13 -2.23 4.53
C CYS A 14 -1.52 -3.67 4.87
N ALA A 15 -2.61 -4.14 4.29
CA ALA A 15 -3.07 -5.51 4.47
C ALA A 15 -2.08 -6.50 3.83
N THR A 16 -2.23 -7.79 4.12
CA THR A 16 -1.31 -8.83 3.68
C THR A 16 -0.81 -8.58 2.25
N PRO A 17 0.51 -8.40 2.11
CA PRO A 17 1.13 -7.92 0.88
C PRO A 17 1.01 -8.89 -0.29
N GLU A 18 1.23 -10.17 -0.02
CA GLU A 18 1.39 -11.16 -1.08
C GLU A 18 0.14 -11.32 -1.94
N VAL A 19 -1.03 -11.14 -1.34
CA VAL A 19 -2.28 -11.40 -2.05
C VAL A 19 -2.61 -10.33 -3.09
N HIS A 20 -2.10 -9.12 -2.93
CA HIS A 20 -2.42 -8.04 -3.88
C HIS A 20 -1.16 -7.39 -4.46
N GLY A 21 -0.10 -7.35 -3.67
CA GLY A 21 1.17 -6.74 -4.05
C GLY A 21 1.13 -5.24 -4.33
N ASP A 22 0.04 -4.76 -4.93
CA ASP A 22 -0.16 -3.34 -5.14
C ASP A 22 -1.11 -2.79 -4.09
N TRP A 23 -0.82 -1.60 -3.57
CA TRP A 23 -1.67 -0.94 -2.58
C TRP A 23 -1.06 0.39 -2.14
N CYS A 24 0.22 0.38 -1.86
CA CYS A 24 0.89 1.58 -1.39
C CYS A 24 1.18 2.53 -2.55
N CYS A 25 1.15 3.83 -2.25
CA CYS A 25 1.41 4.85 -3.27
C CYS A 25 2.86 4.85 -3.72
N GLY A 26 3.06 4.91 -5.03
CA GLY A 26 4.37 5.09 -5.60
C GLY A 26 5.34 3.96 -5.30
N SER A 27 6.55 4.35 -4.89
CA SER A 27 7.63 3.40 -4.66
C SER A 27 7.52 2.77 -3.28
N LEU A 28 6.41 3.02 -2.61
CA LEU A 28 6.15 2.43 -1.30
C LEU A 28 5.84 0.95 -1.46
N LYS A 29 6.26 0.18 -0.46
CA LYS A 29 5.99 -1.25 -0.45
C LYS A 29 5.44 -1.66 0.91
N CYS A 30 4.51 -2.60 0.92
CA CYS A 30 3.93 -3.10 2.15
C CYS A 30 4.94 -3.93 2.93
N VAL A 31 5.65 -3.29 3.84
CA VAL A 31 6.64 -3.96 4.66
C VAL A 31 6.28 -3.79 6.13
N SER A 32 6.25 -4.91 6.85
CA SER A 32 5.79 -4.92 8.24
C SER A 32 4.36 -4.37 8.30
N ASN A 33 3.63 -4.64 7.22
CA ASN A 33 2.25 -4.17 7.07
C ASN A 33 2.19 -2.65 7.12
N SER A 34 3.28 -2.00 6.72
CA SER A 34 3.33 -0.55 6.66
C SER A 34 3.90 -0.13 5.31
N CYS A 35 3.37 0.94 4.75
CA CYS A 35 3.85 1.43 3.47
C CYS A 35 4.97 2.44 3.66
N ARG A 36 6.06 2.22 2.94
CA ARG A 36 7.18 3.15 2.93
C ARG A 36 8.10 2.81 1.75
N ASP A 1 -5.31 -1.74 -15.06
CA ASP A 1 -6.19 -0.65 -14.58
C ASP A 1 -7.64 -1.07 -14.67
N GLU A 2 -8.11 -1.76 -13.64
CA GLU A 2 -9.48 -2.25 -13.62
C GLU A 2 -10.35 -1.29 -12.81
N THR A 3 -9.91 -1.04 -11.58
CA THR A 3 -10.62 -0.15 -10.68
C THR A 3 -9.70 0.23 -9.51
N PRO A 4 -8.72 1.11 -9.76
CA PRO A 4 -7.74 1.49 -8.74
C PRO A 4 -8.36 2.28 -7.60
N ASP A 5 -8.25 1.74 -6.40
CA ASP A 5 -8.72 2.42 -5.20
C ASP A 5 -7.69 3.41 -4.72
N GLU A 6 -7.95 4.06 -3.59
CA GLU A 6 -7.02 5.06 -3.08
C GLU A 6 -5.74 4.39 -2.61
N CYS A 7 -4.62 4.91 -3.05
CA CYS A 7 -3.32 4.36 -2.70
C CYS A 7 -2.93 4.78 -1.29
N VAL A 8 -2.46 3.83 -0.51
CA VAL A 8 -2.10 4.10 0.88
C VAL A 8 -0.74 4.76 0.97
N THR A 9 -0.66 5.81 1.76
CA THR A 9 0.55 6.60 1.89
C THR A 9 1.51 6.00 2.92
N ARG A 10 2.73 6.50 2.93
CA ARG A 10 3.78 6.00 3.80
C ARG A 10 3.41 6.15 5.26
N GLY A 11 3.52 5.06 6.00
CA GLY A 11 3.28 5.10 7.43
C GLY A 11 1.92 4.54 7.81
N ASN A 12 1.01 4.47 6.86
CA ASN A 12 -0.32 3.93 7.13
C ASN A 12 -0.32 2.42 7.00
N PHE A 13 -1.34 1.80 7.59
CA PHE A 13 -1.44 0.35 7.65
C PHE A 13 -1.58 -0.28 6.26
N CYS A 14 -0.89 -1.38 6.07
CA CYS A 14 -0.95 -2.14 4.83
C CYS A 14 -1.35 -3.58 5.11
N ALA A 15 -2.42 -4.03 4.47
CA ALA A 15 -2.87 -5.40 4.58
C ALA A 15 -1.89 -6.33 3.87
N THR A 16 -1.77 -7.56 4.35
CA THR A 16 -0.76 -8.52 3.86
C THR A 16 -0.63 -8.45 2.34
N PRO A 17 0.57 -8.05 1.87
CA PRO A 17 0.78 -7.62 0.49
C PRO A 17 0.60 -8.72 -0.56
N GLU A 18 1.10 -9.91 -0.27
CA GLU A 18 1.26 -10.95 -1.30
C GLU A 18 -0.06 -11.32 -1.99
N VAL A 19 -1.19 -11.16 -1.30
CA VAL A 19 -2.47 -11.56 -1.85
C VAL A 19 -3.04 -10.53 -2.84
N HIS A 20 -2.61 -9.26 -2.72
CA HIS A 20 -3.17 -8.22 -3.58
C HIS A 20 -2.08 -7.47 -4.36
N GLY A 21 -0.90 -7.40 -3.76
CA GLY A 21 0.26 -6.76 -4.38
C GLY A 21 0.15 -5.26 -4.60
N ASP A 22 -1.03 -4.77 -4.93
CA ASP A 22 -1.24 -3.34 -5.12
C ASP A 22 -1.87 -2.73 -3.89
N TRP A 23 -1.37 -1.56 -3.47
CA TRP A 23 -1.96 -0.80 -2.37
C TRP A 23 -1.12 0.44 -2.04
N CYS A 24 0.18 0.24 -1.88
CA CYS A 24 1.07 1.32 -1.48
C CYS A 24 1.20 2.35 -2.60
N CYS A 25 1.07 3.62 -2.23
CA CYS A 25 1.14 4.71 -3.20
C CYS A 25 2.58 5.03 -3.58
N GLY A 26 2.74 5.72 -4.68
CA GLY A 26 4.05 6.15 -5.13
C GLY A 26 5.00 5.00 -5.38
N SER A 27 6.22 5.13 -4.89
CA SER A 27 7.25 4.12 -5.08
C SER A 27 7.42 3.31 -3.80
N LEU A 28 6.41 3.34 -2.95
CA LEU A 28 6.45 2.67 -1.65
C LEU A 28 6.41 1.15 -1.79
N LYS A 29 6.81 0.48 -0.71
CA LYS A 29 6.71 -0.96 -0.62
C LYS A 29 6.06 -1.34 0.71
N CYS A 30 5.28 -2.41 0.72
CA CYS A 30 4.60 -2.84 1.93
C CYS A 30 5.55 -3.67 2.79
N VAL A 31 5.93 -3.09 3.93
CA VAL A 31 6.85 -3.74 4.84
C VAL A 31 6.27 -3.73 6.25
N SER A 32 6.20 -4.91 6.87
CA SER A 32 5.68 -5.07 8.22
C SER A 32 4.31 -4.42 8.35
N ASN A 33 3.48 -4.64 7.33
CA ASN A 33 2.12 -4.12 7.30
C ASN A 33 2.09 -2.60 7.28
N SER A 34 3.16 -1.99 6.78
CA SER A 34 3.19 -0.55 6.59
C SER A 34 3.89 -0.21 5.28
N CYS A 35 3.34 0.72 4.52
CA CYS A 35 3.95 1.14 3.27
C CYS A 35 4.99 2.21 3.52
N ARG A 36 6.14 2.06 2.87
CA ARG A 36 7.24 2.99 3.02
C ARG A 36 8.15 2.92 1.81
N ASP A 1 -9.55 1.15 -17.97
CA ASP A 1 -8.94 1.52 -16.67
C ASP A 1 -9.96 2.24 -15.79
N GLU A 2 -10.00 1.85 -14.52
CA GLU A 2 -10.86 2.49 -13.55
C GLU A 2 -10.12 3.64 -12.87
N THR A 3 -8.80 3.63 -13.01
CA THR A 3 -7.94 4.62 -12.38
C THR A 3 -8.07 4.54 -10.85
N PRO A 4 -7.47 3.49 -10.23
CA PRO A 4 -7.49 3.33 -8.77
C PRO A 4 -6.68 4.41 -8.08
N ASP A 5 -7.31 5.54 -7.80
CA ASP A 5 -6.63 6.68 -7.19
C ASP A 5 -6.52 6.52 -5.68
N GLU A 6 -6.97 5.38 -5.17
CA GLU A 6 -6.93 5.14 -3.74
C GLU A 6 -5.78 4.21 -3.39
N CYS A 7 -4.81 4.73 -2.68
CA CYS A 7 -3.66 3.96 -2.24
C CYS A 7 -3.33 4.30 -0.80
N VAL A 8 -2.67 3.39 -0.10
CA VAL A 8 -2.27 3.63 1.27
C VAL A 8 -0.93 4.34 1.31
N THR A 9 -0.90 5.45 2.02
CA THR A 9 0.26 6.32 2.06
C THR A 9 1.33 5.82 3.03
N ARG A 10 2.50 6.45 2.94
CA ARG A 10 3.66 6.10 3.74
C ARG A 10 3.33 6.17 5.24
N GLY A 11 3.60 5.08 5.94
CA GLY A 11 3.46 5.07 7.39
C GLY A 11 2.15 4.49 7.86
N ASN A 12 1.18 4.36 6.97
CA ASN A 12 -0.13 3.83 7.35
C ASN A 12 -0.15 2.31 7.28
N PHE A 13 -1.10 1.73 7.99
CA PHE A 13 -1.26 0.29 8.06
C PHE A 13 -1.58 -0.29 6.69
N CYS A 14 -0.92 -1.37 6.35
CA CYS A 14 -1.05 -2.00 5.06
C CYS A 14 -1.33 -3.50 5.19
N ALA A 15 -2.37 -3.95 4.52
CA ALA A 15 -2.66 -5.37 4.41
C ALA A 15 -1.82 -5.95 3.28
N THR A 16 -1.28 -7.15 3.47
CA THR A 16 -0.28 -7.70 2.56
C THR A 16 -0.74 -7.69 1.10
N PRO A 17 -0.10 -6.84 0.30
CA PRO A 17 -0.46 -6.61 -1.10
C PRO A 17 -0.09 -7.77 -2.02
N GLU A 18 0.74 -8.68 -1.51
CA GLU A 18 1.45 -9.68 -2.32
C GLU A 18 0.51 -10.44 -3.28
N VAL A 19 -0.76 -10.55 -2.94
CA VAL A 19 -1.70 -11.29 -3.79
C VAL A 19 -1.94 -10.57 -5.13
N HIS A 20 -1.81 -9.26 -5.14
CA HIS A 20 -1.98 -8.48 -6.37
C HIS A 20 -0.79 -7.55 -6.63
N GLY A 21 -0.11 -7.13 -5.57
CA GLY A 21 1.11 -6.35 -5.69
C GLY A 21 0.90 -4.86 -5.49
N ASP A 22 -0.29 -4.38 -5.81
CA ASP A 22 -0.60 -2.96 -5.71
C ASP A 22 -1.31 -2.66 -4.40
N TRP A 23 -1.08 -1.44 -3.87
CA TRP A 23 -1.79 -0.93 -2.69
C TRP A 23 -1.12 0.33 -2.15
N CYS A 24 0.20 0.27 -2.00
CA CYS A 24 0.95 1.39 -1.43
C CYS A 24 1.13 2.49 -2.46
N CYS A 25 1.02 3.74 -2.01
CA CYS A 25 1.18 4.90 -2.89
C CYS A 25 2.60 5.01 -3.45
N GLY A 26 2.71 5.42 -4.70
CA GLY A 26 3.98 5.70 -5.31
C GLY A 26 4.88 4.48 -5.42
N SER A 27 6.11 4.63 -4.95
CA SER A 27 7.10 3.57 -5.06
C SER A 27 7.28 2.87 -3.71
N LEU A 28 6.28 3.03 -2.85
CA LEU A 28 6.30 2.42 -1.52
C LEU A 28 6.25 0.90 -1.59
N LYS A 29 6.72 0.28 -0.53
CA LYS A 29 6.64 -1.17 -0.38
C LYS A 29 6.03 -1.49 0.98
N CYS A 30 5.27 -2.56 1.06
CA CYS A 30 4.58 -2.92 2.29
C CYS A 30 5.49 -3.76 3.18
N VAL A 31 5.97 -3.16 4.26
CA VAL A 31 6.86 -3.83 5.18
C VAL A 31 6.29 -3.77 6.59
N SER A 32 6.19 -4.92 7.24
CA SER A 32 5.66 -5.01 8.60
C SER A 32 4.25 -4.43 8.66
N ASN A 33 3.50 -4.65 7.58
CA ASN A 33 2.14 -4.16 7.45
C ASN A 33 2.09 -2.63 7.45
N SER A 34 3.16 -2.01 6.95
CA SER A 34 3.17 -0.58 6.75
C SER A 34 3.91 -0.23 5.46
N CYS A 35 3.36 0.69 4.69
CA CYS A 35 3.96 1.07 3.41
C CYS A 35 5.03 2.13 3.63
N ARG A 36 6.17 1.92 2.98
CA ARG A 36 7.28 2.84 3.08
C ARG A 36 8.10 2.80 1.80
N ASP A 1 -10.55 -9.55 0.12
CA ASP A 1 -11.50 -9.47 -1.01
C ASP A 1 -12.16 -8.09 -1.05
N GLU A 2 -11.34 -7.06 -1.26
CA GLU A 2 -11.81 -5.69 -1.30
C GLU A 2 -10.82 -4.83 -2.06
N THR A 3 -11.28 -3.69 -2.57
CA THR A 3 -10.42 -2.78 -3.30
C THR A 3 -10.75 -1.32 -2.96
N PRO A 4 -10.28 -0.84 -1.79
CA PRO A 4 -10.51 0.53 -1.35
C PRO A 4 -9.89 1.55 -2.29
N ASP A 5 -10.53 2.69 -2.44
CA ASP A 5 -10.02 3.77 -3.28
C ASP A 5 -8.99 4.57 -2.52
N GLU A 6 -8.29 5.44 -3.24
CA GLU A 6 -7.22 6.27 -2.68
C GLU A 6 -6.01 5.42 -2.30
N CYS A 7 -4.86 5.76 -2.85
CA CYS A 7 -3.65 5.03 -2.57
C CYS A 7 -3.20 5.26 -1.13
N VAL A 8 -2.76 4.19 -0.47
CA VAL A 8 -2.29 4.30 0.89
C VAL A 8 -0.88 4.88 0.92
N THR A 9 -0.71 5.91 1.72
CA THR A 9 0.53 6.64 1.78
C THR A 9 1.49 6.04 2.81
N ARG A 10 2.72 6.55 2.80
CA ARG A 10 3.77 6.08 3.68
C ARG A 10 3.35 6.11 5.15
N GLY A 11 3.62 5.01 5.84
CA GLY A 11 3.42 4.97 7.28
C GLY A 11 2.07 4.41 7.68
N ASN A 12 1.17 4.27 6.72
CA ASN A 12 -0.16 3.75 7.01
C ASN A 12 -0.23 2.25 6.78
N PHE A 13 -1.25 1.64 7.37
CA PHE A 13 -1.39 0.19 7.39
C PHE A 13 -1.50 -0.40 5.99
N CYS A 14 -0.73 -1.46 5.77
CA CYS A 14 -0.75 -2.20 4.53
C CYS A 14 -1.07 -3.67 4.80
N ALA A 15 -2.19 -4.14 4.25
CA ALA A 15 -2.56 -5.55 4.38
C ALA A 15 -1.61 -6.41 3.53
N THR A 16 -1.55 -7.71 3.82
CA THR A 16 -0.59 -8.61 3.19
C THR A 16 -0.40 -8.31 1.70
N PRO A 17 0.80 -7.85 1.33
CA PRO A 17 1.05 -7.22 0.04
C PRO A 17 0.91 -8.17 -1.14
N GLU A 18 1.42 -9.39 -0.99
CA GLU A 18 1.54 -10.32 -2.10
C GLU A 18 0.19 -10.66 -2.73
N VAL A 19 -0.88 -10.64 -1.92
CA VAL A 19 -2.18 -11.08 -2.41
C VAL A 19 -2.90 -10.01 -3.22
N HIS A 20 -2.47 -8.75 -3.13
CA HIS A 20 -3.15 -7.69 -3.89
C HIS A 20 -2.18 -6.87 -4.76
N GLY A 21 -0.93 -6.74 -4.32
CA GLY A 21 0.11 -6.04 -5.08
C GLY A 21 -0.11 -4.54 -5.27
N ASP A 22 -1.35 -4.12 -5.38
CA ASP A 22 -1.70 -2.71 -5.51
C ASP A 22 -2.09 -2.13 -4.15
N TRP A 23 -2.27 -0.79 -4.12
CA TRP A 23 -2.84 -0.02 -2.98
C TRP A 23 -1.86 1.07 -2.53
N CYS A 24 -0.61 0.69 -2.32
CA CYS A 24 0.38 1.64 -1.83
C CYS A 24 0.82 2.60 -2.92
N CYS A 25 0.84 3.87 -2.57
CA CYS A 25 1.12 4.94 -3.52
C CYS A 25 2.60 4.99 -3.88
N GLY A 26 2.88 5.48 -5.08
CA GLY A 26 4.24 5.68 -5.52
C GLY A 26 5.05 4.40 -5.62
N SER A 27 6.23 4.42 -5.03
CA SER A 27 7.14 3.28 -5.09
C SER A 27 7.26 2.64 -3.70
N LEU A 28 6.26 2.91 -2.86
CA LEU A 28 6.24 2.43 -1.49
C LEU A 28 6.41 0.92 -1.42
N LYS A 29 7.12 0.47 -0.40
CA LYS A 29 7.32 -0.95 -0.16
C LYS A 29 6.57 -1.38 1.08
N CYS A 30 5.77 -2.43 0.95
CA CYS A 30 4.96 -2.91 2.06
C CYS A 30 5.78 -3.83 2.95
N VAL A 31 6.14 -3.33 4.12
CA VAL A 31 6.94 -4.08 5.07
C VAL A 31 6.36 -3.96 6.48
N SER A 32 6.22 -5.09 7.16
CA SER A 32 5.67 -5.12 8.52
C SER A 32 4.29 -4.47 8.53
N ASN A 33 3.52 -4.75 7.48
CA ASN A 33 2.17 -4.23 7.33
C ASN A 33 2.15 -2.71 7.26
N SER A 34 3.25 -2.12 6.80
CA SER A 34 3.33 -0.69 6.61
C SER A 34 4.09 -0.37 5.33
N CYS A 35 3.59 0.56 4.54
CA CYS A 35 4.27 0.95 3.32
C CYS A 35 5.13 2.17 3.54
N ARG A 36 6.29 2.17 2.89
CA ARG A 36 7.28 3.22 3.04
C ARG A 36 8.05 3.42 1.75
N ASP A 1 -4.80 5.86 -13.95
CA ASP A 1 -4.57 4.74 -14.88
C ASP A 1 -5.75 3.78 -14.81
N GLU A 2 -5.54 2.52 -15.20
CA GLU A 2 -6.61 1.54 -15.30
C GLU A 2 -7.33 1.34 -13.96
N THR A 3 -6.58 1.17 -12.89
CA THR A 3 -7.18 1.03 -11.57
C THR A 3 -6.83 2.24 -10.69
N PRO A 4 -7.72 3.24 -10.65
CA PRO A 4 -7.51 4.44 -9.86
C PRO A 4 -7.96 4.28 -8.41
N ASP A 5 -7.56 3.17 -7.81
CA ASP A 5 -7.94 2.86 -6.43
C ASP A 5 -7.18 3.76 -5.47
N GLU A 6 -7.61 3.79 -4.22
CA GLU A 6 -7.02 4.67 -3.22
C GLU A 6 -5.69 4.11 -2.72
N CYS A 7 -4.64 4.34 -3.50
CA CYS A 7 -3.30 3.92 -3.11
C CYS A 7 -2.91 4.57 -1.79
N VAL A 8 -2.42 3.77 -0.86
CA VAL A 8 -2.17 4.21 0.50
C VAL A 8 -0.79 4.87 0.61
N THR A 9 -0.73 5.92 1.41
CA THR A 9 0.48 6.69 1.61
C THR A 9 1.33 6.12 2.75
N ARG A 10 2.54 6.66 2.88
CA ARG A 10 3.48 6.21 3.89
C ARG A 10 2.95 6.40 5.30
N GLY A 11 3.15 5.42 6.16
CA GLY A 11 2.79 5.56 7.55
C GLY A 11 1.47 4.92 7.90
N ASN A 12 0.64 4.67 6.89
CA ASN A 12 -0.63 4.01 7.11
C ASN A 12 -0.48 2.50 7.07
N PHE A 13 -1.36 1.82 7.78
CA PHE A 13 -1.30 0.37 7.92
C PHE A 13 -1.64 -0.31 6.60
N CYS A 14 -0.82 -1.28 6.22
CA CYS A 14 -1.03 -2.02 4.99
C CYS A 14 -1.41 -3.46 5.31
N ALA A 15 -2.42 -3.97 4.63
CA ALA A 15 -2.83 -5.35 4.76
C ALA A 15 -1.76 -6.26 4.17
N THR A 16 -1.66 -7.49 4.69
CA THR A 16 -0.58 -8.41 4.31
C THR A 16 -0.35 -8.44 2.80
N PRO A 17 0.88 -8.15 2.38
CA PRO A 17 1.19 -7.80 1.00
C PRO A 17 1.00 -8.94 -0.01
N GLU A 18 1.37 -10.15 0.38
CA GLU A 18 1.53 -11.25 -0.57
C GLU A 18 0.23 -11.57 -1.32
N VAL A 19 -0.92 -11.23 -0.76
CA VAL A 19 -2.19 -11.56 -1.39
C VAL A 19 -2.60 -10.53 -2.45
N HIS A 20 -2.07 -9.31 -2.38
CA HIS A 20 -2.50 -8.26 -3.32
C HIS A 20 -1.32 -7.62 -4.06
N GLY A 21 -0.17 -7.59 -3.40
CA GLY A 21 1.06 -7.01 -3.94
C GLY A 21 1.01 -5.51 -4.25
N ASP A 22 -0.12 -5.04 -4.73
CA ASP A 22 -0.33 -3.60 -4.97
C ASP A 22 -1.17 -3.01 -3.84
N TRP A 23 -0.83 -1.81 -3.39
CA TRP A 23 -1.62 -1.10 -2.39
C TRP A 23 -1.00 0.26 -2.06
N CYS A 24 0.30 0.25 -1.80
CA CYS A 24 1.00 1.46 -1.43
C CYS A 24 1.27 2.32 -2.67
N CYS A 25 1.15 3.62 -2.52
CA CYS A 25 1.31 4.52 -3.66
C CYS A 25 2.78 4.87 -3.87
N GLY A 26 3.15 5.05 -5.13
CA GLY A 26 4.49 5.49 -5.48
C GLY A 26 5.54 4.40 -5.30
N SER A 27 6.71 4.81 -4.84
CA SER A 27 7.84 3.90 -4.66
C SER A 27 7.71 3.12 -3.35
N LEU A 28 6.60 3.34 -2.65
CA LEU A 28 6.35 2.65 -1.40
C LEU A 28 6.14 1.17 -1.61
N LYS A 29 6.59 0.38 -0.66
CA LYS A 29 6.40 -1.06 -0.68
C LYS A 29 5.69 -1.49 0.59
N CYS A 30 4.75 -2.40 0.45
CA CYS A 30 4.01 -2.91 1.60
C CYS A 30 4.86 -3.92 2.35
N VAL A 31 5.48 -3.46 3.43
CA VAL A 31 6.38 -4.28 4.20
C VAL A 31 6.13 -4.08 5.70
N SER A 32 6.07 -5.19 6.42
CA SER A 32 5.81 -5.18 7.85
C SER A 32 4.48 -4.50 8.14
N ASN A 33 3.54 -4.68 7.21
CA ASN A 33 2.20 -4.10 7.31
C ASN A 33 2.23 -2.57 7.31
N SER A 34 3.28 -2.01 6.75
CA SER A 34 3.39 -0.57 6.63
C SER A 34 3.96 -0.18 5.28
N CYS A 35 3.44 0.88 4.70
CA CYS A 35 3.92 1.37 3.41
C CYS A 35 5.03 2.38 3.61
N ARG A 36 6.13 2.15 2.91
CA ARG A 36 7.30 3.01 3.00
C ARG A 36 8.15 2.83 1.75
N ASP A 1 -14.41 -3.70 0.98
CA ASP A 1 -13.77 -3.33 -0.31
C ASP A 1 -12.26 -3.23 -0.13
N GLU A 2 -11.53 -3.37 -1.22
CA GLU A 2 -10.08 -3.43 -1.16
C GLU A 2 -9.42 -2.13 -1.60
N THR A 3 -10.07 -1.40 -2.51
CA THR A 3 -9.52 -0.13 -2.97
C THR A 3 -10.58 0.72 -3.68
N PRO A 4 -10.99 1.83 -3.06
CA PRO A 4 -11.88 2.80 -3.69
C PRO A 4 -11.11 3.83 -4.50
N ASP A 5 -10.25 3.33 -5.39
CA ASP A 5 -9.33 4.18 -6.15
C ASP A 5 -8.46 5.00 -5.20
N GLU A 6 -7.93 4.33 -4.18
CA GLU A 6 -7.12 4.97 -3.16
C GLU A 6 -5.84 4.18 -2.94
N CYS A 7 -4.78 4.87 -2.60
CA CYS A 7 -3.53 4.20 -2.29
C CYS A 7 -3.14 4.51 -0.86
N VAL A 8 -2.60 3.51 -0.17
CA VAL A 8 -2.18 3.70 1.21
C VAL A 8 -0.79 4.31 1.26
N THR A 9 -0.69 5.42 1.99
CA THR A 9 0.53 6.20 2.07
C THR A 9 1.53 5.61 3.08
N ARG A 10 2.74 6.18 3.07
CA ARG A 10 3.81 5.73 3.94
C ARG A 10 3.43 5.81 5.41
N GLY A 11 3.66 4.72 6.13
CA GLY A 11 3.42 4.67 7.55
C GLY A 11 2.06 4.12 7.90
N ASN A 12 1.14 4.12 6.95
CA ASN A 12 -0.21 3.63 7.18
C ASN A 12 -0.30 2.13 6.97
N PHE A 13 -1.36 1.54 7.49
CA PHE A 13 -1.54 0.08 7.49
C PHE A 13 -1.58 -0.46 6.06
N CYS A 14 -0.64 -1.36 5.78
CA CYS A 14 -0.57 -2.01 4.49
C CYS A 14 -1.06 -3.45 4.61
N ALA A 15 -1.96 -3.84 3.72
CA ALA A 15 -2.44 -5.20 3.66
C ALA A 15 -1.72 -5.95 2.53
N THR A 16 -1.67 -7.28 2.62
CA THR A 16 -0.97 -8.10 1.64
C THR A 16 -1.24 -7.65 0.20
N PRO A 17 -0.17 -7.25 -0.49
CA PRO A 17 -0.25 -6.66 -1.83
C PRO A 17 -0.68 -7.65 -2.91
N GLU A 18 -0.22 -8.90 -2.80
CA GLU A 18 -0.38 -9.88 -3.87
C GLU A 18 -1.85 -10.17 -4.16
N VAL A 19 -2.70 -10.07 -3.16
CA VAL A 19 -4.10 -10.40 -3.33
C VAL A 19 -4.92 -9.18 -3.77
N HIS A 20 -4.27 -8.04 -3.96
CA HIS A 20 -5.00 -6.84 -4.37
C HIS A 20 -4.38 -6.21 -5.62
N GLY A 21 -3.06 -6.38 -5.76
CA GLY A 21 -2.29 -5.76 -6.83
C GLY A 21 -2.25 -4.23 -6.77
N ASP A 22 -3.35 -3.63 -6.32
CA ASP A 22 -3.39 -2.21 -6.02
C ASP A 22 -3.31 -2.01 -4.52
N TRP A 23 -2.41 -1.15 -4.05
CA TRP A 23 -2.23 -0.98 -2.62
C TRP A 23 -1.56 0.36 -2.26
N CYS A 24 -0.25 0.35 -2.09
CA CYS A 24 0.46 1.53 -1.61
C CYS A 24 0.74 2.53 -2.72
N CYS A 25 0.86 3.79 -2.33
CA CYS A 25 1.13 4.88 -3.27
C CYS A 25 2.52 4.74 -3.88
N GLY A 26 2.59 4.92 -5.19
CA GLY A 26 3.86 4.92 -5.90
C GLY A 26 4.69 3.67 -5.67
N SER A 27 5.97 3.88 -5.38
CA SER A 27 6.94 2.79 -5.27
C SER A 27 7.13 2.35 -3.83
N LEU A 28 6.17 2.69 -2.98
CA LEU A 28 6.21 2.30 -1.57
C LEU A 28 6.30 0.78 -1.43
N LYS A 29 7.03 0.34 -0.42
CA LYS A 29 7.24 -1.07 -0.18
C LYS A 29 6.60 -1.47 1.14
N CYS A 30 5.99 -2.65 1.17
CA CYS A 30 5.21 -3.08 2.32
C CYS A 30 6.06 -3.89 3.29
N VAL A 31 6.36 -3.31 4.44
CA VAL A 31 7.16 -3.98 5.45
C VAL A 31 6.53 -3.80 6.83
N SER A 32 6.37 -4.91 7.53
CA SER A 32 5.72 -4.92 8.84
C SER A 32 4.30 -4.33 8.74
N ASN A 33 3.67 -4.59 7.59
CA ASN A 33 2.34 -4.10 7.30
C ASN A 33 2.30 -2.58 7.32
N SER A 34 3.42 -1.96 7.00
CA SER A 34 3.50 -0.53 6.82
C SER A 34 4.37 -0.20 5.62
N CYS A 35 3.88 0.69 4.77
CA CYS A 35 4.61 1.04 3.56
C CYS A 35 5.54 2.22 3.79
N ARG A 36 6.62 2.23 3.03
CA ARG A 36 7.61 3.27 3.08
C ARG A 36 8.62 3.07 1.96
N ASP A 1 -8.54 0.97 -2.40
CA ASP A 1 -8.53 0.12 -1.19
C ASP A 1 -9.75 -0.82 -1.21
N GLU A 2 -10.21 -1.21 -0.03
CA GLU A 2 -11.29 -2.19 0.10
C GLU A 2 -12.57 -1.77 -0.63
N THR A 3 -12.81 -0.47 -0.75
CA THR A 3 -14.00 -0.01 -1.46
C THR A 3 -13.70 1.18 -2.38
N PRO A 4 -13.36 2.38 -1.84
CA PRO A 4 -12.97 3.52 -2.69
C PRO A 4 -11.64 3.28 -3.41
N ASP A 5 -11.35 4.11 -4.39
CA ASP A 5 -10.14 3.96 -5.18
C ASP A 5 -9.01 4.80 -4.60
N GLU A 6 -8.76 4.59 -3.32
CA GLU A 6 -7.66 5.26 -2.65
C GLU A 6 -6.55 4.27 -2.35
N CYS A 7 -5.31 4.73 -2.48
CA CYS A 7 -4.16 3.91 -2.19
C CYS A 7 -3.56 4.32 -0.85
N VAL A 8 -2.88 3.39 -0.21
CA VAL A 8 -2.33 3.64 1.12
C VAL A 8 -0.97 4.31 1.03
N THR A 9 -0.83 5.39 1.79
CA THR A 9 0.38 6.21 1.77
C THR A 9 1.41 5.73 2.78
N ARG A 10 2.61 6.31 2.71
CA ARG A 10 3.70 5.95 3.60
C ARG A 10 3.33 6.14 5.06
N GLY A 11 3.61 5.14 5.88
CA GLY A 11 3.35 5.26 7.30
C GLY A 11 1.99 4.70 7.71
N ASN A 12 1.17 4.37 6.72
CA ASN A 12 -0.14 3.80 6.99
C ASN A 12 -0.11 2.28 6.89
N PHE A 13 -1.11 1.64 7.48
CA PHE A 13 -1.20 0.19 7.48
C PHE A 13 -1.38 -0.34 6.06
N CYS A 14 -0.50 -1.25 5.69
CA CYS A 14 -0.54 -1.87 4.38
C CYS A 14 -1.11 -3.29 4.50
N ALA A 15 -2.21 -3.54 3.81
CA ALA A 15 -2.80 -4.86 3.78
C ALA A 15 -2.06 -5.72 2.77
N THR A 16 -1.88 -7.01 3.10
CA THR A 16 -1.06 -7.93 2.32
C THR A 16 -1.26 -7.76 0.82
N PRO A 17 -0.18 -7.37 0.12
CA PRO A 17 -0.20 -7.03 -1.30
C PRO A 17 -0.78 -8.13 -2.17
N GLU A 18 -0.54 -9.37 -1.77
CA GLU A 18 -0.87 -10.52 -2.62
C GLU A 18 -2.38 -10.73 -2.76
N VAL A 19 -3.16 -10.26 -1.80
CA VAL A 19 -4.60 -10.51 -1.83
C VAL A 19 -5.36 -9.54 -2.73
N HIS A 20 -4.79 -8.36 -2.97
CA HIS A 20 -5.50 -7.35 -3.77
C HIS A 20 -4.68 -6.84 -4.95
N GLY A 21 -3.36 -6.87 -4.83
CA GLY A 21 -2.49 -6.35 -5.88
C GLY A 21 -2.45 -4.84 -5.95
N ASP A 22 -3.57 -4.19 -5.62
CA ASP A 22 -3.62 -2.74 -5.49
C ASP A 22 -3.50 -2.35 -4.02
N TRP A 23 -2.50 -1.55 -3.67
CA TRP A 23 -2.31 -1.15 -2.29
C TRP A 23 -1.63 0.21 -2.18
N CYS A 24 -0.32 0.22 -2.02
CA CYS A 24 0.42 1.46 -1.81
C CYS A 24 0.72 2.18 -3.12
N CYS A 25 0.80 3.49 -3.04
CA CYS A 25 1.16 4.31 -4.20
C CYS A 25 2.65 4.59 -4.22
N GLY A 26 3.14 4.95 -5.40
CA GLY A 26 4.51 5.36 -5.56
C GLY A 26 5.50 4.20 -5.47
N SER A 27 6.66 4.50 -4.90
CA SER A 27 7.73 3.52 -4.80
C SER A 27 7.72 2.86 -3.42
N LEU A 28 6.58 2.95 -2.74
CA LEU A 28 6.44 2.40 -1.39
C LEU A 28 6.54 0.89 -1.39
N LYS A 29 7.11 0.36 -0.32
CA LYS A 29 7.22 -1.06 -0.13
C LYS A 29 6.50 -1.49 1.13
N CYS A 30 5.76 -2.57 1.06
CA CYS A 30 4.99 -3.07 2.19
C CYS A 30 5.90 -3.83 3.14
N VAL A 31 6.36 -3.15 4.18
CA VAL A 31 7.27 -3.75 5.15
C VAL A 31 6.61 -3.81 6.52
N SER A 32 6.42 -5.02 7.03
CA SER A 32 5.78 -5.23 8.32
C SER A 32 4.38 -4.62 8.31
N ASN A 33 3.70 -4.77 7.17
CA ASN A 33 2.35 -4.23 6.97
C ASN A 33 2.35 -2.71 7.09
N SER A 34 3.47 -2.10 6.78
CA SER A 34 3.59 -0.65 6.75
C SER A 34 4.40 -0.23 5.54
N CYS A 35 3.89 0.72 4.77
CA CYS A 35 4.56 1.14 3.56
C CYS A 35 5.51 2.29 3.78
N ARG A 36 6.63 2.23 3.09
CA ARG A 36 7.66 3.25 3.17
C ARG A 36 8.60 3.11 1.99
N ASP A 1 0.29 6.65 -11.64
CA ASP A 1 1.05 7.63 -10.84
C ASP A 1 0.88 9.04 -11.39
N GLU A 2 -0.34 9.56 -11.26
CA GLU A 2 -0.66 10.90 -11.72
C GLU A 2 -1.68 11.53 -10.79
N THR A 3 -2.72 10.78 -10.49
CA THR A 3 -3.75 11.22 -9.56
C THR A 3 -3.75 10.33 -8.32
N PRO A 4 -4.18 10.85 -7.16
CA PRO A 4 -4.22 10.08 -5.91
C PRO A 4 -5.22 8.93 -6.00
N ASP A 5 -4.72 7.75 -6.33
CA ASP A 5 -5.57 6.57 -6.49
C ASP A 5 -6.04 6.03 -5.14
N GLU A 6 -6.43 4.77 -5.12
CA GLU A 6 -6.77 4.11 -3.87
C GLU A 6 -5.49 3.77 -3.10
N CYS A 7 -4.36 4.09 -3.73
CA CYS A 7 -3.05 3.88 -3.13
C CYS A 7 -2.92 4.64 -1.81
N VAL A 8 -2.48 3.94 -0.79
CA VAL A 8 -2.32 4.54 0.53
C VAL A 8 -0.93 5.20 0.63
N THR A 9 -0.85 6.27 1.39
CA THR A 9 0.38 7.02 1.55
C THR A 9 1.32 6.40 2.59
N ARG A 10 2.54 6.91 2.65
CA ARG A 10 3.58 6.39 3.53
C ARG A 10 3.18 6.48 5.00
N GLY A 11 3.46 5.43 5.75
CA GLY A 11 3.19 5.42 7.18
C GLY A 11 1.94 4.65 7.54
N ASN A 12 1.09 4.42 6.55
CA ASN A 12 -0.18 3.74 6.79
C ASN A 12 -0.05 2.22 6.69
N PHE A 13 -1.04 1.55 7.25
CA PHE A 13 -1.05 0.09 7.37
C PHE A 13 -1.39 -0.59 6.04
N CYS A 14 -0.73 -1.71 5.79
CA CYS A 14 -1.04 -2.53 4.61
C CYS A 14 -1.16 -4.00 5.04
N ALA A 15 -2.32 -4.59 4.77
CA ALA A 15 -2.57 -5.99 5.10
C ALA A 15 -1.70 -6.90 4.23
N THR A 16 -1.64 -8.20 4.56
CA THR A 16 -0.73 -9.14 3.92
C THR A 16 -0.63 -8.93 2.41
N PRO A 17 0.57 -8.57 1.95
CA PRO A 17 0.80 -8.16 0.56
C PRO A 17 0.60 -9.29 -0.43
N GLU A 18 0.88 -10.52 -0.01
CA GLU A 18 0.93 -11.69 -0.89
C GLU A 18 -0.33 -11.84 -1.75
N VAL A 19 -1.47 -11.35 -1.25
CA VAL A 19 -2.73 -11.55 -1.95
C VAL A 19 -3.06 -10.42 -2.94
N HIS A 20 -2.50 -9.24 -2.74
CA HIS A 20 -2.86 -8.09 -3.59
C HIS A 20 -1.62 -7.42 -4.22
N GLY A 21 -0.52 -7.46 -3.49
CA GLY A 21 0.75 -6.84 -3.90
C GLY A 21 0.70 -5.32 -4.08
N ASP A 22 -0.40 -4.79 -4.57
CA ASP A 22 -0.56 -3.36 -4.73
C ASP A 22 -1.38 -2.79 -3.59
N TRP A 23 -1.05 -1.58 -3.16
CA TRP A 23 -1.80 -0.88 -2.13
C TRP A 23 -1.12 0.43 -1.78
N CYS A 24 0.18 0.39 -1.62
CA CYS A 24 0.96 1.57 -1.29
C CYS A 24 1.15 2.45 -2.51
N CYS A 25 1.10 3.75 -2.32
CA CYS A 25 1.27 4.69 -3.42
C CYS A 25 2.74 4.99 -3.64
N GLY A 26 3.06 5.41 -4.85
CA GLY A 26 4.44 5.71 -5.20
C GLY A 26 5.31 4.47 -5.25
N SER A 27 6.54 4.61 -4.77
CA SER A 27 7.48 3.50 -4.76
C SER A 27 7.47 2.80 -3.41
N LEU A 28 6.41 3.03 -2.64
CA LEU A 28 6.25 2.43 -1.33
C LEU A 28 6.00 0.93 -1.45
N LYS A 29 6.40 0.19 -0.45
CA LYS A 29 6.22 -1.25 -0.43
C LYS A 29 5.46 -1.66 0.81
N CYS A 30 4.55 -2.63 0.68
CA CYS A 30 3.88 -3.20 1.83
C CYS A 30 4.85 -4.09 2.60
N VAL A 31 5.53 -3.49 3.56
CA VAL A 31 6.51 -4.20 4.35
C VAL A 31 6.26 -3.95 5.84
N SER A 32 6.28 -5.02 6.62
CA SER A 32 5.96 -4.95 8.04
C SER A 32 4.54 -4.41 8.22
N ASN A 33 3.69 -4.74 7.26
CA ASN A 33 2.30 -4.31 7.26
C ASN A 33 2.17 -2.80 7.25
N SER A 34 3.19 -2.14 6.71
CA SER A 34 3.19 -0.68 6.60
C SER A 34 3.78 -0.25 5.28
N CYS A 35 3.29 0.84 4.74
CA CYS A 35 3.80 1.38 3.49
C CYS A 35 4.93 2.36 3.74
N ARG A 36 6.05 2.14 3.07
CA ARG A 36 7.22 2.98 3.20
C ARG A 36 8.17 2.70 2.05
N ASP A 1 -2.18 4.89 -9.37
CA ASP A 1 -3.20 5.52 -10.25
C ASP A 1 -3.42 4.69 -11.50
N GLU A 2 -4.39 3.78 -11.42
CA GLU A 2 -4.72 2.93 -12.56
C GLU A 2 -6.22 2.99 -12.84
N THR A 3 -6.92 3.74 -12.01
CA THR A 3 -8.36 3.80 -12.02
C THR A 3 -8.77 4.64 -10.79
N PRO A 4 -10.06 4.89 -10.49
CA PRO A 4 -10.45 5.41 -9.18
C PRO A 4 -10.11 4.44 -8.04
N ASP A 5 -8.81 4.15 -7.91
CA ASP A 5 -8.33 3.21 -6.91
C ASP A 5 -7.99 3.94 -5.62
N GLU A 6 -7.43 3.22 -4.66
CA GLU A 6 -7.13 3.80 -3.36
C GLU A 6 -5.73 3.38 -2.92
N CYS A 7 -4.73 4.13 -3.36
CA CYS A 7 -3.36 3.84 -2.96
C CYS A 7 -3.05 4.52 -1.63
N VAL A 8 -2.55 3.73 -0.69
CA VAL A 8 -2.28 4.23 0.65
C VAL A 8 -0.90 4.88 0.73
N THR A 9 -0.83 5.97 1.49
CA THR A 9 0.40 6.72 1.61
C THR A 9 1.34 6.15 2.68
N ARG A 10 2.55 6.69 2.72
CA ARG A 10 3.59 6.21 3.61
C ARG A 10 3.21 6.38 5.07
N GLY A 11 3.47 5.35 5.85
CA GLY A 11 3.24 5.41 7.29
C GLY A 11 1.95 4.76 7.72
N ASN A 12 1.04 4.57 6.78
CA ASN A 12 -0.25 3.97 7.08
C ASN A 12 -0.18 2.45 6.99
N PHE A 13 -1.16 1.80 7.60
CA PHE A 13 -1.23 0.36 7.68
C PHE A 13 -1.47 -0.26 6.30
N CYS A 14 -0.90 -1.44 6.11
CA CYS A 14 -1.04 -2.18 4.87
C CYS A 14 -1.29 -3.66 5.18
N ALA A 15 -2.22 -4.26 4.45
CA ALA A 15 -2.52 -5.68 4.60
C ALA A 15 -1.44 -6.52 3.93
N THR A 16 -1.30 -7.78 4.35
CA THR A 16 -0.26 -8.67 3.82
C THR A 16 -0.16 -8.58 2.30
N PRO A 17 1.03 -8.17 1.81
CA PRO A 17 1.26 -7.85 0.40
C PRO A 17 0.92 -9.00 -0.54
N GLU A 18 1.16 -10.23 -0.08
CA GLU A 18 1.05 -11.41 -0.93
C GLU A 18 -0.32 -11.53 -1.59
N VAL A 19 -1.36 -11.10 -0.90
CA VAL A 19 -2.72 -11.33 -1.39
C VAL A 19 -3.18 -10.27 -2.41
N HIS A 20 -2.58 -9.08 -2.39
CA HIS A 20 -3.08 -7.99 -3.25
C HIS A 20 -1.97 -7.39 -4.13
N GLY A 21 -0.74 -7.41 -3.62
CA GLY A 21 0.43 -6.87 -4.30
C GLY A 21 0.39 -5.36 -4.59
N ASP A 22 -0.78 -4.83 -4.93
CA ASP A 22 -0.96 -3.39 -5.10
C ASP A 22 -1.65 -2.80 -3.88
N TRP A 23 -1.20 -1.63 -3.42
CA TRP A 23 -1.85 -0.92 -2.31
C TRP A 23 -1.10 0.35 -1.96
N CYS A 24 0.21 0.23 -1.74
CA CYS A 24 1.02 1.36 -1.34
C CYS A 24 1.24 2.30 -2.52
N CYS A 25 0.98 3.58 -2.30
CA CYS A 25 1.06 4.57 -3.36
C CYS A 25 2.51 4.97 -3.62
N GLY A 26 2.76 5.44 -4.83
CA GLY A 26 4.09 5.89 -5.20
C GLY A 26 5.11 4.77 -5.24
N SER A 27 6.32 5.07 -4.78
CA SER A 27 7.41 4.11 -4.82
C SER A 27 7.51 3.34 -3.49
N LEU A 28 6.40 3.36 -2.74
CA LEU A 28 6.34 2.70 -1.45
C LEU A 28 6.30 1.18 -1.62
N LYS A 29 6.72 0.49 -0.58
CA LYS A 29 6.65 -0.96 -0.55
C LYS A 29 6.01 -1.40 0.76
N CYS A 30 5.09 -2.36 0.67
CA CYS A 30 4.36 -2.83 1.85
C CYS A 30 5.23 -3.77 2.66
N VAL A 31 5.76 -3.25 3.76
CA VAL A 31 6.66 -4.00 4.61
C VAL A 31 6.19 -3.96 6.06
N SER A 32 6.07 -5.13 6.67
CA SER A 32 5.65 -5.24 8.07
C SER A 32 4.32 -4.57 8.30
N ASN A 33 3.42 -4.73 7.33
CA ASN A 33 2.07 -4.18 7.40
C ASN A 33 2.08 -2.66 7.37
N SER A 34 3.14 -2.08 6.82
CA SER A 34 3.22 -0.64 6.67
C SER A 34 3.88 -0.27 5.35
N CYS A 35 3.37 0.77 4.71
CA CYS A 35 3.94 1.24 3.47
C CYS A 35 5.04 2.25 3.73
N ARG A 36 6.19 2.02 3.13
CA ARG A 36 7.35 2.89 3.35
C ARG A 36 8.04 3.18 2.02
N ASP A 1 -13.89 -4.81 -8.86
CA ASP A 1 -12.82 -3.78 -8.95
C ASP A 1 -12.96 -3.00 -10.26
N GLU A 2 -13.78 -1.96 -10.22
CA GLU A 2 -14.00 -1.10 -11.38
C GLU A 2 -12.71 -0.39 -11.79
N THR A 3 -12.21 0.46 -10.89
CA THR A 3 -10.96 1.15 -11.10
C THR A 3 -10.43 1.67 -9.77
N PRO A 4 -9.73 0.80 -9.00
CA PRO A 4 -9.21 1.17 -7.68
C PRO A 4 -8.05 2.15 -7.74
N ASP A 5 -8.36 3.39 -8.03
CA ASP A 5 -7.36 4.45 -8.08
C ASP A 5 -7.07 4.97 -6.68
N GLU A 6 -6.79 4.06 -5.77
CA GLU A 6 -6.49 4.41 -4.40
C GLU A 6 -5.26 3.64 -3.93
N CYS A 7 -4.46 4.28 -3.10
CA CYS A 7 -3.24 3.66 -2.61
C CYS A 7 -2.94 4.12 -1.19
N VAL A 8 -2.20 3.30 -0.46
CA VAL A 8 -1.84 3.62 0.92
C VAL A 8 -0.58 4.48 0.93
N THR A 9 -0.58 5.49 1.78
CA THR A 9 0.54 6.40 1.89
C THR A 9 1.53 5.92 2.95
N ARG A 10 2.72 6.51 2.93
CA ARG A 10 3.79 6.12 3.84
C ARG A 10 3.38 6.36 5.30
N GLY A 11 3.54 5.34 6.12
CA GLY A 11 3.23 5.48 7.53
C GLY A 11 1.91 4.83 7.91
N ASN A 12 1.05 4.58 6.94
CA ASN A 12 -0.23 3.96 7.20
C ASN A 12 -0.15 2.44 7.11
N PHE A 13 -1.13 1.79 7.73
CA PHE A 13 -1.16 0.34 7.83
C PHE A 13 -1.58 -0.29 6.51
N CYS A 14 -0.86 -1.33 6.12
CA CYS A 14 -1.16 -2.04 4.87
C CYS A 14 -1.39 -3.52 5.15
N ALA A 15 -2.37 -4.08 4.46
CA ALA A 15 -2.71 -5.50 4.61
C ALA A 15 -1.65 -6.37 3.95
N THR A 16 -1.64 -7.66 4.29
CA THR A 16 -0.63 -8.61 3.81
C THR A 16 -0.28 -8.41 2.33
N PRO A 17 0.99 -8.07 2.06
CA PRO A 17 1.46 -7.68 0.72
C PRO A 17 1.29 -8.78 -0.32
N GLU A 18 1.59 -10.02 0.07
CA GLU A 18 1.61 -11.14 -0.87
C GLU A 18 0.21 -11.46 -1.41
N VAL A 19 -0.81 -10.86 -0.83
CA VAL A 19 -2.19 -11.12 -1.26
C VAL A 19 -2.59 -10.21 -2.44
N HIS A 20 -2.01 -9.03 -2.51
CA HIS A 20 -2.41 -8.07 -3.55
C HIS A 20 -1.23 -7.53 -4.34
N GLY A 21 -0.07 -7.46 -3.69
CA GLY A 21 1.16 -6.91 -4.27
C GLY A 21 1.08 -5.43 -4.62
N ASP A 22 -0.08 -4.96 -5.06
CA ASP A 22 -0.31 -3.54 -5.27
C ASP A 22 -1.11 -2.97 -4.10
N TRP A 23 -0.74 -1.77 -3.66
CA TRP A 23 -1.49 -1.08 -2.60
C TRP A 23 -0.84 0.26 -2.24
N CYS A 24 0.49 0.28 -2.20
CA CYS A 24 1.21 1.49 -1.83
C CYS A 24 1.30 2.48 -2.99
N CYS A 25 1.32 3.76 -2.63
CA CYS A 25 1.46 4.83 -3.62
C CYS A 25 2.89 4.89 -4.16
N GLY A 26 2.99 4.94 -5.49
CA GLY A 26 4.27 5.14 -6.13
C GLY A 26 5.31 4.09 -5.81
N SER A 27 6.46 4.53 -5.33
CA SER A 27 7.60 3.64 -5.09
C SER A 27 7.58 3.09 -3.66
N LEU A 28 6.50 3.36 -2.94
CA LEU A 28 6.31 2.82 -1.60
C LEU A 28 6.04 1.32 -1.69
N LYS A 29 6.34 0.60 -0.62
CA LYS A 29 6.07 -0.84 -0.56
C LYS A 29 5.52 -1.21 0.80
N CYS A 30 4.54 -2.11 0.81
CA CYS A 30 3.99 -2.63 2.05
C CYS A 30 4.95 -3.62 2.68
N VAL A 31 5.51 -3.24 3.82
CA VAL A 31 6.43 -4.09 4.55
C VAL A 31 6.15 -4.00 6.04
N SER A 32 6.07 -5.17 6.69
CA SER A 32 5.76 -5.25 8.10
C SER A 32 4.39 -4.61 8.36
N ASN A 33 3.50 -4.77 7.39
CA ASN A 33 2.14 -4.23 7.45
C ASN A 33 2.12 -2.71 7.47
N SER A 34 3.23 -2.11 7.06
CA SER A 34 3.32 -0.66 6.99
C SER A 34 3.84 -0.24 5.62
N CYS A 35 3.35 0.88 5.13
CA CYS A 35 3.78 1.38 3.83
C CYS A 35 4.92 2.39 4.02
N ARG A 36 5.91 2.31 3.13
CA ARG A 36 7.08 3.18 3.22
C ARG A 36 7.79 3.21 1.88
N ASP A 1 -10.72 20.13 -3.02
CA ASP A 1 -10.88 18.85 -2.29
C ASP A 1 -11.03 17.68 -3.26
N GLU A 2 -9.94 16.96 -3.48
CA GLU A 2 -9.97 15.81 -4.37
C GLU A 2 -9.91 14.53 -3.57
N THR A 3 -9.10 14.53 -2.51
CA THR A 3 -8.93 13.37 -1.63
C THR A 3 -8.72 12.08 -2.42
N PRO A 4 -7.59 11.96 -3.14
CA PRO A 4 -7.28 10.77 -3.91
C PRO A 4 -6.60 9.69 -3.06
N ASP A 5 -7.30 9.26 -2.01
CA ASP A 5 -6.75 8.28 -1.09
C ASP A 5 -7.00 6.85 -1.58
N GLU A 6 -6.89 6.66 -2.89
CA GLU A 6 -7.04 5.32 -3.47
C GLU A 6 -5.85 4.47 -3.05
N CYS A 7 -4.67 5.06 -3.05
CA CYS A 7 -3.48 4.39 -2.55
C CYS A 7 -3.34 4.60 -1.06
N VAL A 8 -2.77 3.62 -0.40
CA VAL A 8 -2.43 3.78 1.00
C VAL A 8 -1.05 4.44 1.11
N THR A 9 -0.99 5.49 1.90
CA THR A 9 0.19 6.35 1.95
C THR A 9 1.28 5.82 2.87
N ARG A 10 2.45 6.43 2.77
CA ARG A 10 3.62 6.04 3.54
C ARG A 10 3.36 6.09 5.04
N GLY A 11 3.69 5.00 5.72
CA GLY A 11 3.50 4.94 7.16
C GLY A 11 2.18 4.32 7.56
N ASN A 12 1.28 4.16 6.60
CA ASN A 12 -0.03 3.58 6.89
C ASN A 12 -0.02 2.07 6.73
N PHE A 13 -1.01 1.43 7.33
CA PHE A 13 -1.10 -0.03 7.39
C PHE A 13 -1.42 -0.64 6.02
N CYS A 14 -0.74 -1.72 5.70
CA CYS A 14 -1.02 -2.47 4.49
C CYS A 14 -1.29 -3.94 4.84
N ALA A 15 -2.28 -4.53 4.18
CA ALA A 15 -2.61 -5.93 4.38
C ALA A 15 -1.56 -6.82 3.69
N THR A 16 -1.55 -8.13 4.01
CA THR A 16 -0.52 -9.04 3.52
C THR A 16 -0.15 -8.78 2.05
N PRO A 17 1.13 -8.45 1.81
CA PRO A 17 1.59 -7.88 0.55
C PRO A 17 1.40 -8.80 -0.65
N GLU A 18 1.68 -10.09 -0.46
CA GLU A 18 1.77 -11.03 -1.57
C GLU A 18 0.44 -11.23 -2.28
N VAL A 19 -0.67 -11.14 -1.56
CA VAL A 19 -1.97 -11.48 -2.13
C VAL A 19 -2.50 -10.39 -3.06
N HIS A 20 -1.98 -9.17 -2.96
CA HIS A 20 -2.46 -8.08 -3.83
C HIS A 20 -1.32 -7.39 -4.57
N GLY A 21 -0.16 -7.33 -3.93
CA GLY A 21 1.04 -6.69 -4.49
C GLY A 21 0.92 -5.19 -4.77
N ASP A 22 -0.24 -4.73 -5.22
CA ASP A 22 -0.49 -3.30 -5.38
C ASP A 22 -1.33 -2.79 -4.23
N TRP A 23 -1.09 -1.55 -3.81
CA TRP A 23 -1.88 -0.90 -2.76
C TRP A 23 -1.27 0.45 -2.41
N CYS A 24 0.02 0.45 -2.11
CA CYS A 24 0.73 1.66 -1.79
C CYS A 24 1.05 2.43 -3.07
N CYS A 25 1.05 3.75 -2.99
CA CYS A 25 1.36 4.56 -4.16
C CYS A 25 2.84 4.90 -4.22
N GLY A 26 3.27 5.40 -5.36
CA GLY A 26 4.66 5.74 -5.55
C GLY A 26 5.54 4.51 -5.55
N SER A 27 6.70 4.62 -4.91
CA SER A 27 7.64 3.52 -4.83
C SER A 27 7.54 2.80 -3.49
N LEU A 28 6.42 3.01 -2.80
CA LEU A 28 6.20 2.43 -1.48
C LEU A 28 6.08 0.91 -1.55
N LYS A 29 6.48 0.27 -0.47
CA LYS A 29 6.41 -1.18 -0.35
C LYS A 29 5.62 -1.56 0.89
N CYS A 30 4.74 -2.55 0.77
CA CYS A 30 4.06 -3.09 1.94
C CYS A 30 5.02 -3.95 2.75
N VAL A 31 5.64 -3.34 3.74
CA VAL A 31 6.59 -4.05 4.58
C VAL A 31 6.22 -3.90 6.04
N SER A 32 6.16 -5.03 6.75
CA SER A 32 5.77 -5.07 8.15
C SER A 32 4.37 -4.46 8.31
N ASN A 33 3.55 -4.67 7.28
CA ASN A 33 2.18 -4.17 7.23
C ASN A 33 2.15 -2.64 7.19
N SER A 34 3.19 -2.04 6.65
CA SER A 34 3.22 -0.59 6.48
C SER A 34 3.85 -0.21 5.14
N CYS A 35 3.27 0.78 4.49
CA CYS A 35 3.78 1.25 3.21
C CYS A 35 4.99 2.16 3.41
N ARG A 36 6.12 1.75 2.85
CA ARG A 36 7.35 2.52 2.92
C ARG A 36 8.43 1.86 2.08
N ASP A 1 -15.88 14.52 7.73
CA ASP A 1 -14.55 14.76 7.12
C ASP A 1 -13.62 13.59 7.40
N GLU A 2 -12.95 13.10 6.37
CA GLU A 2 -12.07 11.95 6.50
C GLU A 2 -10.90 12.06 5.52
N THR A 3 -11.21 12.36 4.25
CA THR A 3 -10.20 12.51 3.22
C THR A 3 -9.40 11.21 3.02
N PRO A 4 -9.99 10.22 2.34
CA PRO A 4 -9.34 8.94 2.05
C PRO A 4 -8.37 9.04 0.88
N ASP A 5 -7.91 7.89 0.41
CA ASP A 5 -6.98 7.84 -0.72
C ASP A 5 -7.26 6.61 -1.58
N GLU A 6 -6.96 6.73 -2.87
CA GLU A 6 -7.12 5.62 -3.81
C GLU A 6 -5.93 4.66 -3.71
N CYS A 7 -4.81 5.22 -3.29
CA CYS A 7 -3.60 4.46 -3.07
C CYS A 7 -2.99 4.88 -1.74
N VAL A 8 -2.73 3.92 -0.88
CA VAL A 8 -2.33 4.20 0.49
C VAL A 8 -0.94 4.86 0.55
N THR A 9 -0.87 5.92 1.32
CA THR A 9 0.33 6.72 1.44
C THR A 9 1.31 6.14 2.48
N ARG A 10 2.50 6.73 2.52
CA ARG A 10 3.58 6.22 3.35
C ARG A 10 3.26 6.32 4.83
N GLY A 11 3.58 5.27 5.57
CA GLY A 11 3.39 5.28 7.01
C GLY A 11 2.12 4.55 7.43
N ASN A 12 1.21 4.38 6.49
CA ASN A 12 -0.06 3.73 6.79
C ASN A 12 0.04 2.21 6.62
N PHE A 13 -0.92 1.52 7.23
CA PHE A 13 -0.94 0.07 7.26
C PHE A 13 -1.31 -0.51 5.90
N CYS A 14 -0.63 -1.59 5.53
CA CYS A 14 -0.94 -2.30 4.30
C CYS A 14 -1.37 -3.73 4.62
N ALA A 15 -2.48 -4.15 4.04
CA ALA A 15 -2.99 -5.51 4.21
C ALA A 15 -2.02 -6.52 3.61
N THR A 16 -2.17 -7.80 3.97
CA THR A 16 -1.27 -8.87 3.52
C THR A 16 -0.87 -8.73 2.05
N PRO A 17 0.42 -8.43 1.80
CA PRO A 17 0.93 -8.06 0.47
C PRO A 17 0.70 -9.12 -0.59
N GLU A 18 0.83 -10.39 -0.21
CA GLU A 18 0.76 -11.48 -1.18
C GLU A 18 -0.64 -11.58 -1.81
N VAL A 19 -1.64 -11.05 -1.13
CA VAL A 19 -3.02 -11.20 -1.58
C VAL A 19 -3.37 -10.20 -2.71
N HIS A 20 -2.73 -9.04 -2.71
CA HIS A 20 -3.09 -8.00 -3.68
C HIS A 20 -1.87 -7.48 -4.46
N GLY A 21 -0.71 -7.52 -3.81
CA GLY A 21 0.54 -7.00 -4.36
C GLY A 21 0.54 -5.49 -4.64
N ASP A 22 -0.57 -4.96 -5.11
CA ASP A 22 -0.73 -3.53 -5.31
C ASP A 22 -1.54 -2.91 -4.19
N TRP A 23 -1.12 -1.74 -3.70
CA TRP A 23 -1.87 -1.02 -2.66
C TRP A 23 -1.20 0.31 -2.34
N CYS A 24 0.08 0.26 -2.00
CA CYS A 24 0.81 1.45 -1.61
C CYS A 24 1.07 2.32 -2.83
N CYS A 25 0.96 3.62 -2.65
CA CYS A 25 1.17 4.56 -3.74
C CYS A 25 2.66 4.89 -3.90
N GLY A 26 3.01 5.41 -5.06
CA GLY A 26 4.39 5.81 -5.32
C GLY A 26 5.34 4.63 -5.35
N SER A 27 6.55 4.83 -4.82
CA SER A 27 7.58 3.80 -4.81
C SER A 27 7.56 3.02 -3.49
N LEU A 28 6.42 3.09 -2.80
CA LEU A 28 6.27 2.44 -1.51
C LEU A 28 6.14 0.93 -1.68
N LYS A 29 6.37 0.22 -0.59
CA LYS A 29 6.18 -1.22 -0.54
C LYS A 29 5.69 -1.62 0.85
N CYS A 30 4.87 -2.66 0.92
CA CYS A 30 4.28 -3.08 2.18
C CYS A 30 5.29 -3.84 3.02
N VAL A 31 6.00 -3.11 3.86
CA VAL A 31 7.00 -3.70 4.73
C VAL A 31 6.49 -3.72 6.15
N SER A 32 6.40 -4.92 6.74
CA SER A 32 5.85 -5.08 8.06
C SER A 32 4.41 -4.58 8.09
N ASN A 33 3.73 -4.81 6.97
CA ASN A 33 2.36 -4.35 6.78
C ASN A 33 2.27 -2.82 6.89
N SER A 34 3.33 -2.15 6.49
CA SER A 34 3.32 -0.69 6.45
C SER A 34 4.00 -0.21 5.17
N CYS A 35 3.38 0.76 4.51
CA CYS A 35 3.93 1.29 3.27
C CYS A 35 5.06 2.27 3.57
N ARG A 36 6.25 1.99 3.05
CA ARG A 36 7.39 2.84 3.27
C ARG A 36 8.30 2.83 2.06
N ASP A 1 -9.79 7.02 -17.36
CA ASP A 1 -10.23 7.36 -15.98
C ASP A 1 -11.60 6.78 -15.69
N GLU A 2 -11.68 5.46 -15.58
CA GLU A 2 -12.95 4.79 -15.34
C GLU A 2 -13.32 4.83 -13.87
N THR A 3 -12.45 4.28 -13.04
CA THR A 3 -12.68 4.21 -11.61
C THR A 3 -11.37 3.99 -10.85
N PRO A 4 -10.49 5.00 -10.82
CA PRO A 4 -9.22 4.91 -10.10
C PRO A 4 -9.45 4.79 -8.60
N ASP A 5 -8.66 3.96 -7.94
CA ASP A 5 -8.85 3.73 -6.51
C ASP A 5 -7.83 4.54 -5.70
N GLU A 6 -7.98 4.49 -4.40
CA GLU A 6 -7.09 5.23 -3.52
C GLU A 6 -6.05 4.28 -2.92
N CYS A 7 -4.80 4.65 -3.04
CA CYS A 7 -3.70 3.84 -2.53
C CYS A 7 -3.32 4.30 -1.12
N VAL A 8 -2.74 3.39 -0.35
CA VAL A 8 -2.36 3.70 1.03
C VAL A 8 -0.97 4.36 1.07
N THR A 9 -0.88 5.41 1.87
CA THR A 9 0.31 6.24 1.93
C THR A 9 1.34 5.71 2.94
N ARG A 10 2.51 6.34 2.93
CA ARG A 10 3.65 5.93 3.75
C ARG A 10 3.32 5.98 5.25
N GLY A 11 3.77 4.96 5.96
CA GLY A 11 3.60 4.93 7.41
C GLY A 11 2.31 4.24 7.82
N ASN A 12 1.39 4.16 6.88
CA ASN A 12 0.09 3.57 7.15
C ASN A 12 0.10 2.07 6.87
N PHE A 13 -0.88 1.40 7.44
CA PHE A 13 -0.99 -0.06 7.36
C PHE A 13 -1.18 -0.53 5.92
N CYS A 14 -0.31 -1.41 5.48
CA CYS A 14 -0.45 -2.03 4.17
C CYS A 14 -0.95 -3.45 4.35
N ALA A 15 -2.05 -3.78 3.67
CA ALA A 15 -2.59 -5.12 3.74
C ALA A 15 -1.87 -5.99 2.71
N THR A 16 -1.80 -7.30 2.98
CA THR A 16 -1.12 -8.25 2.11
C THR A 16 -1.40 -7.97 0.62
N PRO A 17 -0.33 -7.73 -0.13
CA PRO A 17 -0.38 -7.37 -1.56
C PRO A 17 -1.14 -8.38 -2.41
N GLU A 18 -1.03 -9.65 -2.04
CA GLU A 18 -1.57 -10.75 -2.85
C GLU A 18 -3.08 -10.63 -3.03
N VAL A 19 -3.74 -9.97 -2.10
CA VAL A 19 -5.19 -9.92 -2.11
C VAL A 19 -5.72 -8.76 -2.98
N HIS A 20 -4.90 -7.75 -3.21
CA HIS A 20 -5.41 -6.54 -3.86
C HIS A 20 -4.62 -6.18 -5.12
N GLY A 21 -3.34 -6.53 -5.12
CA GLY A 21 -2.41 -6.15 -6.18
C GLY A 21 -2.17 -4.64 -6.28
N ASP A 22 -3.21 -3.85 -6.05
CA ASP A 22 -3.07 -2.42 -5.85
C ASP A 22 -3.19 -2.10 -4.36
N TRP A 23 -2.19 -1.46 -3.79
CA TRP A 23 -2.23 -1.14 -2.37
C TRP A 23 -1.55 0.19 -2.07
N CYS A 24 -0.24 0.19 -1.93
CA CYS A 24 0.48 1.40 -1.53
C CYS A 24 0.74 2.34 -2.69
N CYS A 25 0.91 3.61 -2.36
CA CYS A 25 1.23 4.65 -3.33
C CYS A 25 2.73 4.67 -3.65
N GLY A 26 3.06 5.25 -4.79
CA GLY A 26 4.44 5.52 -5.15
C GLY A 26 5.31 4.28 -5.21
N SER A 27 6.52 4.41 -4.69
CA SER A 27 7.50 3.34 -4.70
C SER A 27 7.55 2.66 -3.34
N LEU A 28 6.49 2.85 -2.56
CA LEU A 28 6.39 2.28 -1.22
C LEU A 28 6.44 0.76 -1.24
N LYS A 29 7.05 0.19 -0.22
CA LYS A 29 7.10 -1.25 -0.06
C LYS A 29 6.43 -1.64 1.25
N CYS A 30 5.69 -2.74 1.23
CA CYS A 30 4.94 -3.17 2.39
C CYS A 30 5.83 -3.96 3.35
N VAL A 31 6.28 -3.29 4.40
CA VAL A 31 7.17 -3.91 5.38
C VAL A 31 6.57 -3.79 6.78
N SER A 32 6.46 -4.93 7.46
CA SER A 32 5.85 -4.99 8.79
C SER A 32 4.42 -4.45 8.74
N ASN A 33 3.77 -4.66 7.60
CA ASN A 33 2.43 -4.15 7.36
C ASN A 33 2.38 -2.63 7.48
N SER A 34 3.48 -1.99 7.11
CA SER A 34 3.55 -0.54 6.98
C SER A 34 4.37 -0.19 5.76
N CYS A 35 3.90 0.76 4.97
CA CYS A 35 4.59 1.09 3.73
C CYS A 35 5.53 2.26 3.87
N ARG A 36 6.61 2.20 3.10
CA ARG A 36 7.58 3.27 3.03
C ARG A 36 8.41 3.07 1.77
N ASP A 1 -10.90 -1.29 -13.29
CA ASP A 1 -10.01 -0.11 -13.45
C ASP A 1 -10.83 1.13 -13.79
N GLU A 2 -10.48 2.25 -13.17
CA GLU A 2 -11.15 3.52 -13.39
C GLU A 2 -10.40 4.61 -12.64
N THR A 3 -10.18 4.37 -11.36
CA THR A 3 -9.45 5.31 -10.52
C THR A 3 -9.08 4.66 -9.18
N PRO A 4 -8.08 3.75 -9.16
CA PRO A 4 -7.58 3.15 -7.94
C PRO A 4 -6.55 4.05 -7.26
N ASP A 5 -6.75 5.36 -7.44
CA ASP A 5 -5.81 6.37 -6.93
C ASP A 5 -5.89 6.48 -5.41
N GLU A 6 -6.90 5.84 -4.81
CA GLU A 6 -7.00 5.80 -3.37
C GLU A 6 -6.06 4.73 -2.83
N CYS A 7 -4.78 5.04 -2.86
CA CYS A 7 -3.76 4.13 -2.39
C CYS A 7 -3.36 4.48 -0.97
N VAL A 8 -2.73 3.54 -0.28
CA VAL A 8 -2.29 3.77 1.08
C VAL A 8 -0.92 4.43 1.10
N THR A 9 -0.84 5.54 1.81
CA THR A 9 0.36 6.36 1.83
C THR A 9 1.36 5.89 2.89
N ARG A 10 2.55 6.48 2.85
CA ARG A 10 3.65 6.12 3.74
C ARG A 10 3.24 6.22 5.20
N GLY A 11 3.55 5.18 5.96
CA GLY A 11 3.31 5.20 7.39
C GLY A 11 1.99 4.56 7.78
N ASN A 12 1.07 4.44 6.83
CA ASN A 12 -0.24 3.89 7.12
C ASN A 12 -0.22 2.36 7.03
N PHE A 13 -1.19 1.74 7.67
CA PHE A 13 -1.27 0.30 7.75
C PHE A 13 -1.56 -0.31 6.38
N CYS A 14 -0.96 -1.46 6.13
CA CYS A 14 -1.11 -2.14 4.86
C CYS A 14 -1.41 -3.62 5.10
N ALA A 15 -2.29 -4.19 4.29
CA ALA A 15 -2.64 -5.61 4.39
C ALA A 15 -1.45 -6.46 3.97
N THR A 16 -1.46 -7.74 4.37
CA THR A 16 -0.35 -8.65 4.09
C THR A 16 0.13 -8.53 2.64
N PRO A 17 1.41 -8.14 2.46
CA PRO A 17 1.97 -7.73 1.16
C PRO A 17 1.69 -8.72 0.03
N GLU A 18 1.97 -10.00 0.29
CA GLU A 18 1.98 -11.02 -0.75
C GLU A 18 0.57 -11.31 -1.27
N VAL A 19 -0.43 -10.77 -0.60
CA VAL A 19 -1.82 -11.01 -0.98
C VAL A 19 -2.27 -10.03 -2.07
N HIS A 20 -1.64 -8.85 -2.14
CA HIS A 20 -2.08 -7.83 -3.10
C HIS A 20 -0.94 -7.32 -3.98
N GLY A 21 0.26 -7.27 -3.42
CA GLY A 21 1.46 -6.76 -4.10
C GLY A 21 1.39 -5.29 -4.52
N ASP A 22 0.23 -4.84 -4.98
CA ASP A 22 -0.04 -3.42 -5.20
C ASP A 22 -0.94 -2.90 -4.10
N TRP A 23 -0.74 -1.64 -3.69
CA TRP A 23 -1.59 -0.98 -2.68
C TRP A 23 -0.98 0.35 -2.24
N CYS A 24 0.32 0.33 -2.00
CA CYS A 24 1.01 1.51 -1.49
C CYS A 24 1.27 2.53 -2.60
N CYS A 25 1.12 3.80 -2.26
CA CYS A 25 1.28 4.89 -3.22
C CYS A 25 2.71 5.00 -3.74
N GLY A 26 2.83 5.27 -5.04
CA GLY A 26 4.11 5.58 -5.64
C GLY A 26 5.08 4.41 -5.62
N SER A 27 6.29 4.68 -5.13
CA SER A 27 7.36 3.68 -5.12
C SER A 27 7.42 2.99 -3.76
N LEU A 28 6.39 3.18 -2.95
CA LEU A 28 6.31 2.57 -1.64
C LEU A 28 6.13 1.06 -1.76
N LYS A 29 6.56 0.36 -0.72
CA LYS A 29 6.41 -1.09 -0.68
C LYS A 29 5.78 -1.49 0.66
N CYS A 30 4.93 -2.51 0.61
CA CYS A 30 4.25 -2.98 1.81
C CYS A 30 5.19 -3.84 2.64
N VAL A 31 5.65 -3.31 3.75
CA VAL A 31 6.58 -4.01 4.63
C VAL A 31 6.11 -3.90 6.07
N SER A 32 6.04 -5.02 6.76
CA SER A 32 5.61 -5.06 8.16
C SER A 32 4.22 -4.45 8.30
N ASN A 33 3.39 -4.73 7.31
CA ASN A 33 2.02 -4.24 7.28
C ASN A 33 1.97 -2.72 7.29
N SER A 34 3.00 -2.09 6.75
CA SER A 34 3.05 -0.65 6.61
C SER A 34 3.71 -0.26 5.29
N CYS A 35 3.25 0.82 4.68
CA CYS A 35 3.82 1.28 3.43
C CYS A 35 4.94 2.27 3.68
N ARG A 36 6.03 2.11 2.95
CA ARG A 36 7.21 2.95 3.08
C ARG A 36 8.05 2.83 1.83
N ASP A 1 -16.95 3.15 5.15
CA ASP A 1 -15.64 2.79 4.57
C ASP A 1 -15.55 1.27 4.40
N GLU A 2 -16.15 0.76 3.34
CA GLU A 2 -16.17 -0.68 3.10
C GLU A 2 -14.86 -1.13 2.46
N THR A 3 -14.48 -0.46 1.39
CA THR A 3 -13.25 -0.77 0.69
C THR A 3 -12.65 0.49 0.07
N PRO A 4 -11.76 1.18 0.81
CA PRO A 4 -11.19 2.46 0.36
C PRO A 4 -10.31 2.31 -0.88
N ASP A 5 -10.82 2.78 -2.01
CA ASP A 5 -10.10 2.69 -3.28
C ASP A 5 -9.12 3.83 -3.42
N GLU A 6 -8.16 3.89 -2.51
CA GLU A 6 -7.12 4.90 -2.53
C GLU A 6 -5.76 4.24 -2.55
N CYS A 7 -4.73 5.01 -2.85
CA CYS A 7 -3.37 4.51 -2.75
C CYS A 7 -2.82 4.79 -1.37
N VAL A 8 -2.40 3.74 -0.68
CA VAL A 8 -1.91 3.84 0.68
C VAL A 8 -0.61 4.65 0.73
N THR A 9 -0.54 5.58 1.66
CA THR A 9 0.61 6.44 1.81
C THR A 9 1.61 5.88 2.82
N ARG A 10 2.78 6.51 2.88
CA ARG A 10 3.84 6.10 3.77
C ARG A 10 3.41 6.24 5.23
N GLY A 11 3.61 5.18 5.99
CA GLY A 11 3.27 5.22 7.41
C GLY A 11 1.93 4.56 7.68
N ASN A 12 1.12 4.43 6.64
CA ASN A 12 -0.21 3.84 6.79
C ASN A 12 -0.13 2.33 6.65
N PHE A 13 -1.09 1.66 7.27
CA PHE A 13 -1.14 0.20 7.33
C PHE A 13 -1.47 -0.39 5.96
N CYS A 14 -0.76 -1.45 5.60
CA CYS A 14 -1.02 -2.17 4.37
C CYS A 14 -1.17 -3.66 4.65
N ALA A 15 -2.16 -4.28 4.01
CA ALA A 15 -2.35 -5.72 4.10
C ALA A 15 -1.25 -6.44 3.33
N THR A 16 -0.98 -7.70 3.69
CA THR A 16 0.10 -8.47 3.09
C THR A 16 0.20 -8.26 1.57
N PRO A 17 1.38 -7.86 1.11
CA PRO A 17 1.62 -7.44 -0.26
C PRO A 17 1.44 -8.55 -1.28
N GLU A 18 1.71 -9.78 -0.86
CA GLU A 18 1.74 -10.92 -1.78
C GLU A 18 0.35 -11.19 -2.37
N VAL A 19 -0.69 -10.72 -1.71
CA VAL A 19 -2.06 -11.04 -2.13
C VAL A 19 -2.61 -10.04 -3.14
N HIS A 20 -2.17 -8.79 -3.08
CA HIS A 20 -2.72 -7.76 -3.96
C HIS A 20 -1.63 -7.03 -4.76
N GLY A 21 -0.46 -6.92 -4.15
CA GLY A 21 0.70 -6.23 -4.73
C GLY A 21 0.50 -4.73 -5.01
N ASP A 22 -0.69 -4.36 -5.45
CA ASP A 22 -1.03 -2.97 -5.70
C ASP A 22 -1.85 -2.42 -4.55
N TRP A 23 -1.53 -1.20 -4.11
CA TRP A 23 -2.28 -0.51 -3.06
C TRP A 23 -1.63 0.82 -2.73
N CYS A 24 -0.36 0.78 -2.36
CA CYS A 24 0.36 1.97 -1.93
C CYS A 24 0.83 2.81 -3.10
N CYS A 25 0.88 4.11 -2.87
CA CYS A 25 1.28 5.07 -3.90
C CYS A 25 2.78 5.10 -4.09
N GLY A 26 3.21 5.56 -5.26
CA GLY A 26 4.61 5.70 -5.55
C GLY A 26 5.37 4.38 -5.52
N SER A 27 6.59 4.42 -5.00
CA SER A 27 7.45 3.25 -4.95
C SER A 27 7.38 2.59 -3.59
N LEU A 28 6.33 2.91 -2.84
CA LEU A 28 6.13 2.37 -1.50
C LEU A 28 5.98 0.85 -1.53
N LYS A 29 6.46 0.22 -0.47
CA LYS A 29 6.39 -1.23 -0.35
C LYS A 29 5.72 -1.60 0.97
N CYS A 30 4.75 -2.51 0.91
CA CYS A 30 4.09 -2.97 2.12
C CYS A 30 5.01 -3.91 2.89
N VAL A 31 5.73 -3.34 3.85
CA VAL A 31 6.67 -4.10 4.66
C VAL A 31 6.32 -3.93 6.13
N SER A 32 6.24 -5.03 6.85
CA SER A 32 5.85 -5.02 8.25
C SER A 32 4.44 -4.42 8.38
N ASN A 33 3.63 -4.67 7.36
CA ASN A 33 2.26 -4.17 7.27
C ASN A 33 2.22 -2.65 7.22
N SER A 34 3.33 -2.03 6.81
CA SER A 34 3.40 -0.60 6.68
C SER A 34 4.12 -0.23 5.39
N CYS A 35 3.66 0.81 4.71
CA CYS A 35 4.29 1.24 3.48
C CYS A 35 5.27 2.37 3.72
N ARG A 36 6.39 2.28 3.01
CA ARG A 36 7.45 3.27 3.08
C ARG A 36 8.45 3.01 1.96
#